data_4E9V
#
_entry.id   4E9V
#
_cell.length_a   74.728
_cell.length_b   101.130
_cell.length_c   123.959
_cell.angle_alpha   90.00
_cell.angle_beta   90.00
_cell.angle_gamma   90.00
#
_symmetry.space_group_name_H-M   'P 21 21 21'
#
loop_
_entity.id
_entity.type
_entity.pdbx_description
1 polymer 'Multicopper oxidase'
2 non-polymer 'COPPER (II) ION'
3 non-polymer 'OXYGEN ATOM'
4 non-polymer 'HYDROXIDE ION'
5 non-polymer 'CHLORIDE ION'
6 water water
#
_entity_poly.entity_id   1
_entity_poly.type   'polypeptide(L)'
_entity_poly.pdbx_seq_one_letter_code
;MAEREFDMTIEEVTIKVAPGLDYKVFGFNGQVPGPLIHVQEGDDVIVNVTNNTSLPHTIHWHGVHQKGTWRSDGVPGVTQ
QPIEAGDSYTYKFKADRIGTLWYHCHVNVNEHVGVRGMWGPLIVDPKQPLPIEKRVTKDVIMMMSTWESAVADKYGEGGT
PMNVADYFSVNAKSFPLTQPLRVKKGDVVKIRFFGAGGGIHAMHSHGHDMLVTHKDGLPLDSPYYADTVLVSPGERYDVI
IEADNPGRFIFHDHVDTHVTAGGKHPGGPITVIEYDGVPVDDWYVWKDKDYDPNFFYSESLKQGYGMFDHDGFKGEFEQR
QRRPGRKLAAALEHHHHHH
;
_entity_poly.pdbx_strand_id   A,B,C
#
loop_
_chem_comp.id
_chem_comp.type
_chem_comp.name
_chem_comp.formula
CL non-polymer 'CHLORIDE ION' 'Cl -1'
CU non-polymer 'COPPER (II) ION' 'Cu 2'
O non-polymer 'OXYGEN ATOM' O
OH non-polymer 'HYDROXIDE ION' 'H O -1'
#
# COMPACT_ATOMS: atom_id res chain seq x y z
N ALA A 2 -3.46 37.19 -6.58
CA ALA A 2 -4.04 38.05 -5.55
C ALA A 2 -3.48 37.71 -4.17
N GLU A 3 -3.41 38.73 -3.29
CA GLU A 3 -3.03 38.47 -1.92
C GLU A 3 -4.24 38.07 -1.07
N ARG A 4 -4.12 36.91 -0.44
CA ARG A 4 -5.19 36.35 0.37
C ARG A 4 -4.69 36.03 1.77
N GLU A 5 -5.32 36.68 2.74
CA GLU A 5 -4.89 36.61 4.12
C GLU A 5 -5.97 36.00 4.99
N PHE A 6 -5.59 35.03 5.80
CA PHE A 6 -6.55 34.33 6.64
C PHE A 6 -6.09 34.30 8.08
N ASP A 7 -7.03 34.32 9.02
CA ASP A 7 -6.76 34.17 10.44
C ASP A 7 -7.32 32.82 10.89
N MET A 8 -6.42 32.03 11.44
CA MET A 8 -6.77 30.69 11.88
CA MET A 8 -6.74 30.67 11.88
C MET A 8 -6.43 30.49 13.36
N THR A 9 -7.25 29.74 14.09
CA THR A 9 -6.92 29.42 15.48
C THR A 9 -6.80 27.90 15.61
N ILE A 10 -6.22 27.53 16.74
CA ILE A 10 -6.09 26.15 17.15
C ILE A 10 -6.76 26.07 18.53
N GLU A 11 -7.74 25.20 18.61
CA GLU A 11 -8.65 25.08 19.73
C GLU A 11 -8.73 23.68 20.28
N GLU A 12 -8.95 23.57 21.59
CA GLU A 12 -9.24 22.25 22.15
C GLU A 12 -10.75 22.03 22.14
N VAL A 13 -11.20 21.06 21.37
CA VAL A 13 -12.63 20.75 21.34
C VAL A 13 -12.80 19.24 21.37
N THR A 14 -14.04 18.81 21.56
CA THR A 14 -14.40 17.39 21.51
C THR A 14 -15.33 17.12 20.34
N ILE A 15 -15.00 16.11 19.53
CA ILE A 15 -15.86 15.83 18.39
C ILE A 15 -16.48 14.44 18.51
N LYS A 16 -17.63 14.23 17.88
CA LYS A 16 -18.20 12.89 17.94
C LYS A 16 -17.74 12.11 16.71
N VAL A 17 -16.89 11.10 16.90
CA VAL A 17 -16.41 10.40 15.70
C VAL A 17 -17.36 9.30 15.30
N ALA A 18 -17.91 8.59 16.29
CA ALA A 18 -18.80 7.47 16.08
C ALA A 18 -19.87 7.43 17.17
N PRO A 19 -20.94 6.67 17.04
CA PRO A 19 -21.88 6.53 18.18
C PRO A 19 -21.08 6.04 19.38
N GLY A 20 -21.13 6.82 20.45
CA GLY A 20 -20.43 6.44 21.67
C GLY A 20 -18.94 6.68 21.66
N LEU A 21 -18.41 7.27 20.59
CA LEU A 21 -17.00 7.65 20.66
C LEU A 21 -16.87 9.16 20.45
N ASP A 22 -16.66 9.84 21.56
CA ASP A 22 -16.30 11.25 21.58
C ASP A 22 -14.80 11.36 21.68
N TYR A 23 -14.21 12.32 20.98
CA TYR A 23 -12.76 12.35 20.89
C TYR A 23 -12.24 13.76 21.10
N LYS A 24 -11.27 13.91 22.00
CA LYS A 24 -10.56 15.15 22.21
C LYS A 24 -9.56 15.42 21.08
N VAL A 25 -9.72 16.58 20.45
CA VAL A 25 -8.87 16.91 19.32
C VAL A 25 -8.35 18.34 19.43
N PHE A 26 -7.42 18.67 18.55
CA PHE A 26 -6.84 19.99 18.39
C PHE A 26 -7.30 20.51 17.04
N GLY A 27 -8.53 21.04 17.01
CA GLY A 27 -9.12 21.42 15.74
C GLY A 27 -8.77 22.82 15.30
N PHE A 28 -8.30 22.89 14.06
CA PHE A 28 -8.11 24.21 13.46
C PHE A 28 -9.46 24.90 13.38
N ASN A 29 -9.57 26.11 13.91
CA ASN A 29 -10.87 26.79 14.01
C ASN A 29 -11.90 25.92 14.70
N GLY A 30 -11.48 25.05 15.61
CA GLY A 30 -12.38 24.26 16.42
C GLY A 30 -13.16 23.23 15.64
N GLN A 31 -12.64 22.79 14.51
CA GLN A 31 -13.31 21.78 13.69
C GLN A 31 -12.35 20.75 13.10
N VAL A 32 -12.89 19.55 12.82
CA VAL A 32 -12.10 18.52 12.15
C VAL A 32 -12.92 17.94 11.02
N PRO A 33 -12.61 17.90 9.74
CA PRO A 33 -11.44 18.48 9.08
C PRO A 33 -11.29 19.98 9.35
N GLY A 34 -10.08 20.50 9.27
CA GLY A 34 -9.95 21.97 9.45
C GLY A 34 -10.64 22.68 8.30
N PRO A 35 -10.63 24.01 8.36
CA PRO A 35 -11.29 24.83 7.33
C PRO A 35 -10.69 24.56 5.95
N LEU A 36 -11.56 24.63 4.95
CA LEU A 36 -11.19 24.59 3.55
C LEU A 36 -10.48 25.90 3.19
N ILE A 37 -9.29 25.80 2.62
CA ILE A 37 -8.60 26.97 2.05
C ILE A 37 -8.54 26.73 0.54
N HIS A 38 -9.09 27.67 -0.20
CA HIS A 38 -9.28 27.57 -1.63
C HIS A 38 -8.76 28.84 -2.29
N VAL A 39 -7.68 28.70 -3.03
CA VAL A 39 -7.00 29.84 -3.63
C VAL A 39 -6.68 29.52 -5.07
N GLN A 40 -6.18 30.54 -5.75
CA GLN A 40 -5.80 30.35 -7.15
C GLN A 40 -4.29 30.26 -7.30
N GLU A 41 -3.88 29.51 -8.32
CA GLU A 41 -2.46 29.36 -8.62
C GLU A 41 -1.81 30.74 -8.73
N GLY A 42 -0.71 30.96 -8.01
CA GLY A 42 -0.01 32.23 -8.03
C GLY A 42 -0.45 33.17 -6.93
N ASP A 43 -1.54 32.89 -6.22
CA ASP A 43 -1.89 33.79 -5.15
C ASP A 43 -0.81 33.86 -4.07
N ASP A 44 -0.70 35.04 -3.45
CA ASP A 44 0.15 35.15 -2.27
C ASP A 44 -0.70 34.90 -1.02
N VAL A 45 -0.36 33.84 -0.28
CA VAL A 45 -1.16 33.44 0.87
C VAL A 45 -0.49 33.87 2.16
N ILE A 46 -1.34 34.41 3.04
CA ILE A 46 -0.88 34.81 4.38
C ILE A 46 -1.80 34.18 5.40
N VAL A 47 -1.22 33.41 6.32
CA VAL A 47 -2.04 32.76 7.34
C VAL A 47 -1.49 33.13 8.72
N ASN A 48 -2.33 33.81 9.51
CA ASN A 48 -2.01 34.22 10.86
C ASN A 48 -2.65 33.22 11.83
N VAL A 49 -1.81 32.45 12.52
CA VAL A 49 -2.22 31.37 13.38
C VAL A 49 -2.09 31.69 14.86
N THR A 50 -3.19 31.56 15.59
CA THR A 50 -3.12 31.67 17.04
C THR A 50 -3.44 30.36 17.73
N ASN A 51 -2.51 29.98 18.61
CA ASN A 51 -2.63 28.74 19.36
C ASN A 51 -3.42 28.91 20.64
N ASN A 52 -4.70 28.51 20.61
CA ASN A 52 -5.56 28.58 21.79
C ASN A 52 -5.61 27.27 22.56
N THR A 53 -4.56 26.46 22.49
CA THR A 53 -4.56 25.20 23.23
C THR A 53 -3.40 25.20 24.24
N SER A 54 -3.29 24.14 24.99
CA SER A 54 -2.29 23.99 26.03
C SER A 54 -0.95 23.44 25.55
N LEU A 55 -0.78 23.18 24.26
CA LEU A 55 0.44 22.52 23.77
C LEU A 55 0.95 23.24 22.53
N PRO A 56 2.22 23.05 22.22
CA PRO A 56 2.80 23.66 21.03
C PRO A 56 2.36 22.92 19.75
N HIS A 57 2.27 23.70 18.69
CA HIS A 57 1.92 23.24 17.35
C HIS A 57 2.71 24.07 16.33
N THR A 58 2.63 23.69 15.07
CA THR A 58 2.96 24.44 13.89
C THR A 58 1.91 24.10 12.81
N ILE A 59 1.97 24.76 11.68
CA ILE A 59 1.25 24.26 10.50
C ILE A 59 2.27 24.12 9.36
N HIS A 60 2.28 22.90 8.82
CA HIS A 60 3.06 22.62 7.62
C HIS A 60 2.09 22.53 6.43
N TRP A 61 2.51 23.07 5.31
CA TRP A 61 1.72 23.18 4.08
C TRP A 61 2.21 22.12 3.09
N HIS A 62 1.54 20.96 3.17
CA HIS A 62 1.97 19.77 2.44
C HIS A 62 1.67 19.93 0.95
N GLY A 63 2.74 19.99 0.18
CA GLY A 63 2.72 20.07 -1.26
C GLY A 63 3.12 21.47 -1.71
N VAL A 64 3.10 22.37 -0.72
CA VAL A 64 3.50 23.74 -1.03
C VAL A 64 5.02 23.78 -1.13
N HIS A 65 5.59 24.22 -2.24
CA HIS A 65 7.04 24.18 -2.36
C HIS A 65 7.76 25.13 -1.42
N GLN A 66 7.16 26.22 -0.98
CA GLN A 66 7.84 27.22 -0.18
C GLN A 66 9.07 27.76 -0.92
N LYS A 67 8.85 28.04 -2.20
CA LYS A 67 9.93 28.52 -3.06
C LYS A 67 10.45 29.83 -2.49
N GLY A 68 11.67 29.83 -1.99
CA GLY A 68 12.25 31.02 -1.39
C GLY A 68 11.59 31.39 -0.07
N THR A 69 10.74 30.52 0.47
CA THR A 69 10.07 30.84 1.74
C THR A 69 10.14 29.67 2.70
N TRP A 70 11.26 28.94 2.69
CA TRP A 70 11.39 27.74 3.51
C TRP A 70 11.10 27.98 4.98
N ARG A 71 11.29 29.21 5.47
CA ARG A 71 11.09 29.42 6.91
C ARG A 71 9.61 29.40 7.27
N SER A 72 8.73 29.30 6.27
CA SER A 72 7.31 29.08 6.55
C SER A 72 6.92 27.61 6.33
N ASP A 73 7.87 26.69 6.25
CA ASP A 73 7.50 25.28 6.02
C ASP A 73 6.81 24.64 7.22
N GLY A 74 6.93 25.22 8.43
CA GLY A 74 6.16 24.69 9.53
C GLY A 74 6.76 23.51 10.25
N VAL A 75 8.09 23.29 10.19
CA VAL A 75 8.63 22.10 10.85
C VAL A 75 9.45 22.48 12.08
N PRO A 76 9.10 22.03 13.27
CA PRO A 76 9.85 22.50 14.45
C PRO A 76 11.28 21.98 14.46
N GLY A 77 12.22 22.82 14.87
CA GLY A 77 13.62 22.41 14.96
C GLY A 77 14.30 22.37 13.61
N VAL A 78 13.52 22.67 12.57
CA VAL A 78 14.09 22.68 11.24
C VAL A 78 13.91 24.01 10.53
N THR A 79 12.66 24.50 10.51
CA THR A 79 12.40 25.77 9.84
C THR A 79 11.85 26.80 10.81
N GLN A 80 11.46 26.38 12.01
CA GLN A 80 10.99 27.33 13.02
C GLN A 80 11.03 26.70 14.39
N GLN A 81 10.91 27.52 15.43
CA GLN A 81 10.54 27.02 16.75
C GLN A 81 9.04 26.80 16.81
N PRO A 82 8.52 25.90 17.63
CA PRO A 82 7.08 25.62 17.68
C PRO A 82 6.28 26.83 18.10
N ILE A 83 5.00 26.85 17.75
CA ILE A 83 4.09 27.89 18.23
C ILE A 83 3.60 27.49 19.61
N GLU A 84 4.08 28.20 20.64
CA GLU A 84 3.78 27.77 21.98
C GLU A 84 2.34 28.14 22.35
N ALA A 85 1.86 27.45 23.39
CA ALA A 85 0.53 27.73 23.90
C ALA A 85 0.31 29.23 24.11
N GLY A 86 -0.75 29.77 23.53
CA GLY A 86 -1.15 31.15 23.63
C GLY A 86 -0.49 32.04 22.60
N ASP A 87 0.56 31.55 21.94
CA ASP A 87 1.26 32.39 20.97
C ASP A 87 0.64 32.34 19.57
N SER A 88 1.14 33.24 18.75
CA SER A 88 0.78 33.37 17.35
C SER A 88 1.99 33.26 16.45
N TYR A 89 1.73 33.07 15.16
CA TYR A 89 2.78 32.91 14.16
C TYR A 89 2.20 33.14 12.77
N THR A 90 2.98 33.75 11.89
CA THR A 90 2.40 34.01 10.57
C THR A 90 3.19 33.30 9.48
N TYR A 91 2.44 32.58 8.65
CA TYR A 91 2.98 31.88 7.50
C TYR A 91 2.74 32.70 6.24
N LYS A 92 3.73 32.81 5.36
CA LYS A 92 3.55 33.45 4.06
C LYS A 92 4.19 32.58 2.98
N PHE A 93 3.38 32.26 1.96
CA PHE A 93 3.90 31.51 0.84
C PHE A 93 3.15 31.85 -0.44
N LYS A 94 3.78 31.62 -1.58
CA LYS A 94 3.08 31.78 -2.86
C LYS A 94 2.52 30.42 -3.24
N ALA A 95 1.26 30.43 -3.67
CA ALA A 95 0.65 29.15 -4.05
C ALA A 95 1.06 28.82 -5.47
N ASP A 96 2.35 28.54 -5.71
CA ASP A 96 2.67 28.30 -7.12
C ASP A 96 2.63 26.82 -7.47
N ARG A 97 2.23 25.99 -6.52
CA ARG A 97 2.10 24.55 -6.80
C ARG A 97 0.61 24.22 -6.83
N ILE A 98 0.14 23.70 -7.97
CA ILE A 98 -1.30 23.52 -8.15
C ILE A 98 -1.82 22.25 -7.51
N GLY A 99 -3.15 22.18 -7.40
CA GLY A 99 -3.83 20.93 -7.14
C GLY A 99 -4.31 20.75 -5.74
N THR A 100 -4.59 19.48 -5.44
CA THR A 100 -5.06 19.06 -4.14
C THR A 100 -3.93 19.02 -3.12
N LEU A 101 -3.81 20.04 -2.30
CA LEU A 101 -2.81 20.02 -1.24
C LEU A 101 -3.49 19.90 0.11
N TRP A 102 -2.69 19.90 1.18
CA TRP A 102 -3.33 19.89 2.48
C TRP A 102 -2.42 20.55 3.51
N TYR A 103 -2.94 20.73 4.71
CA TYR A 103 -2.07 21.33 5.74
C TYR A 103 -2.26 20.55 7.03
N HIS A 104 -1.24 20.48 7.90
CA HIS A 104 -1.36 19.74 9.14
C HIS A 104 -0.29 20.17 10.15
N CYS A 105 -0.55 19.83 11.41
CA CYS A 105 0.49 20.23 12.39
C CYS A 105 1.74 19.42 12.10
N HIS A 106 2.90 19.90 12.50
CA HIS A 106 4.13 19.16 12.30
C HIS A 106 4.92 19.02 13.61
N VAL A 107 4.23 19.17 14.73
CA VAL A 107 4.71 18.89 16.05
C VAL A 107 4.07 17.57 16.55
N ASN A 108 4.85 16.65 17.09
CA ASN A 108 4.27 15.45 17.72
C ASN A 108 3.26 14.78 16.80
N VAL A 109 3.62 14.72 15.53
CA VAL A 109 2.67 14.38 14.47
C VAL A 109 2.03 13.01 14.61
N ASN A 110 2.72 12.03 15.20
CA ASN A 110 2.14 10.70 15.34
C ASN A 110 0.85 10.83 16.14
N GLU A 111 0.85 11.78 17.08
CA GLU A 111 -0.37 11.97 17.86
C GLU A 111 -1.24 13.07 17.25
N HIS A 112 -0.63 14.21 16.96
CA HIS A 112 -1.45 15.36 16.55
C HIS A 112 -2.10 15.13 15.20
N VAL A 113 -1.35 14.56 14.26
CA VAL A 113 -1.97 14.28 12.96
C VAL A 113 -2.66 12.92 13.02
N GLY A 114 -2.08 11.98 13.75
CA GLY A 114 -2.65 10.64 13.77
C GLY A 114 -4.00 10.54 14.44
N VAL A 115 -4.19 11.20 15.59
CA VAL A 115 -5.50 11.06 16.24
C VAL A 115 -6.06 12.37 16.75
N ARG A 116 -5.42 13.53 16.56
CA ARG A 116 -5.99 14.76 17.11
C ARG A 116 -6.54 15.70 16.04
N GLY A 117 -6.70 15.19 14.83
CA GLY A 117 -7.42 15.86 13.77
C GLY A 117 -6.82 17.16 13.30
N MET A 118 -5.50 17.32 13.47
CA MET A 118 -4.84 18.56 13.07
C MET A 118 -4.50 18.61 11.60
N TRP A 119 -5.52 18.71 10.74
CA TRP A 119 -5.29 18.74 9.30
C TRP A 119 -6.52 19.29 8.59
N GLY A 120 -6.34 19.78 7.39
CA GLY A 120 -7.43 20.32 6.61
C GLY A 120 -6.99 20.42 5.16
N PRO A 121 -7.91 20.67 4.23
CA PRO A 121 -7.54 20.67 2.82
C PRO A 121 -7.16 22.05 2.29
N LEU A 122 -6.20 22.09 1.38
CA LEU A 122 -5.73 23.28 0.71
C LEU A 122 -5.82 23.07 -0.80
N ILE A 123 -6.78 23.71 -1.45
CA ILE A 123 -7.04 23.50 -2.87
C ILE A 123 -6.54 24.68 -3.66
N VAL A 124 -5.63 24.40 -4.58
CA VAL A 124 -5.06 25.47 -5.41
C VAL A 124 -5.57 25.30 -6.83
N ASP A 125 -6.40 26.21 -7.35
CA ASP A 125 -6.92 26.01 -8.70
C ASP A 125 -5.85 26.27 -9.75
N PRO A 126 -5.59 25.36 -10.68
CA PRO A 126 -4.62 25.68 -11.74
C PRO A 126 -5.14 26.79 -12.66
N LYS A 127 -4.26 27.65 -13.17
CA LYS A 127 -4.74 28.62 -14.17
C LYS A 127 -5.24 27.86 -15.40
N GLN A 128 -4.60 26.74 -15.71
CA GLN A 128 -4.97 25.93 -16.86
C GLN A 128 -5.34 24.52 -16.43
N PRO A 129 -6.61 24.38 -16.08
CA PRO A 129 -7.17 23.10 -15.61
C PRO A 129 -7.31 22.08 -16.73
N LEU A 130 -7.38 20.78 -16.42
CA LEU A 130 -7.57 19.83 -17.52
C LEU A 130 -8.93 20.07 -18.15
N PRO A 131 -9.04 19.78 -19.44
CA PRO A 131 -10.37 19.70 -20.06
C PRO A 131 -11.39 18.96 -19.21
N ILE A 132 -11.06 17.78 -18.66
CA ILE A 132 -12.09 17.04 -17.91
C ILE A 132 -12.56 17.79 -16.67
N GLU A 133 -11.59 18.43 -16.02
CA GLU A 133 -11.89 19.21 -14.81
C GLU A 133 -12.94 20.25 -15.14
N LYS A 134 -13.00 20.73 -16.38
CA LYS A 134 -14.00 21.74 -16.72
C LYS A 134 -15.41 21.16 -16.84
N ARG A 135 -15.57 19.84 -16.90
CA ARG A 135 -16.91 19.25 -17.07
C ARG A 135 -17.56 18.98 -15.72
N VAL A 136 -16.72 19.02 -14.69
CA VAL A 136 -17.08 18.68 -13.34
C VAL A 136 -18.24 19.51 -12.81
N THR A 137 -19.20 18.87 -12.17
CA THR A 137 -20.33 19.64 -11.65
C THR A 137 -20.41 19.52 -10.14
N LYS A 138 -19.45 18.76 -9.58
CA LYS A 138 -19.47 18.54 -8.15
C LYS A 138 -18.07 18.06 -7.72
N ASP A 139 -17.53 18.79 -6.76
CA ASP A 139 -16.19 18.59 -6.22
C ASP A 139 -16.34 18.10 -4.79
N VAL A 140 -15.62 17.05 -4.45
CA VAL A 140 -15.79 16.26 -3.25
C VAL A 140 -14.45 16.00 -2.55
N ILE A 141 -14.37 16.36 -1.29
CA ILE A 141 -13.18 16.10 -0.49
C ILE A 141 -13.42 14.97 0.48
N MET A 142 -12.54 13.97 0.47
CA MET A 142 -12.65 12.85 1.41
C MET A 142 -11.31 12.63 2.11
N MET A 143 -11.25 13.02 3.37
CA MET A 143 -10.00 12.94 4.14
C MET A 143 -10.13 11.79 5.13
N MET A 144 -9.32 10.75 4.90
CA MET A 144 -9.42 9.52 5.70
C MET A 144 -8.45 9.53 6.87
N SER A 145 -8.91 9.08 8.02
CA SER A 145 -8.00 8.93 9.15
C SER A 145 -8.47 7.79 10.05
N THR A 146 -7.70 7.57 11.11
CA THR A 146 -8.05 6.49 12.06
C THR A 146 -7.95 7.03 13.49
N TRP A 147 -8.55 6.33 14.44
CA TRP A 147 -8.69 6.73 15.83
C TRP A 147 -8.42 5.55 16.77
N GLU A 148 -7.77 5.87 17.87
CA GLU A 148 -7.44 4.96 18.96
C GLU A 148 -8.29 5.26 20.18
N SER A 149 -9.35 4.49 20.38
CA SER A 149 -10.32 4.82 21.44
C SER A 149 -9.67 4.88 22.82
N ALA A 150 -8.61 4.13 23.09
CA ALA A 150 -8.05 4.17 24.43
C ALA A 150 -7.51 5.54 24.82
N VAL A 151 -7.22 6.39 23.86
CA VAL A 151 -6.67 7.71 24.19
C VAL A 151 -7.61 8.84 23.79
N ALA A 152 -8.88 8.52 23.60
CA ALA A 152 -9.84 9.54 23.19
C ALA A 152 -9.86 10.75 24.11
N ASP A 153 -9.69 10.51 25.42
CA ASP A 153 -9.85 11.62 26.36
C ASP A 153 -8.52 12.13 26.90
N LYS A 154 -7.41 11.82 26.23
CA LYS A 154 -6.17 12.19 26.91
C LYS A 154 -5.11 12.72 25.96
N TYR A 155 -5.10 14.05 25.85
CA TYR A 155 -4.05 14.71 25.09
C TYR A 155 -2.69 14.23 25.63
N GLY A 156 -1.69 14.10 24.78
CA GLY A 156 -0.36 13.74 25.18
C GLY A 156 -0.01 12.27 25.01
N GLU A 157 -0.98 11.47 24.53
CA GLU A 157 -0.80 10.04 24.35
C GLU A 157 -1.36 9.60 23.00
N GLY A 158 -0.90 8.47 22.46
CA GLY A 158 -1.45 7.94 21.22
C GLY A 158 -0.56 8.00 20.02
N GLY A 159 -0.99 7.31 18.96
CA GLY A 159 -0.31 7.35 17.68
C GLY A 159 0.97 6.53 17.63
N THR A 160 1.08 5.51 18.48
CA THR A 160 2.26 4.66 18.44
C THR A 160 1.92 3.24 17.98
N PRO A 161 2.94 2.48 17.57
CA PRO A 161 2.77 1.06 17.23
C PRO A 161 2.10 0.25 18.34
N MET A 162 2.21 0.70 19.58
CA MET A 162 1.66 0.10 20.78
CA MET A 162 1.61 -0.13 20.65
C MET A 162 0.17 0.28 20.96
N ASN A 163 -0.37 1.32 20.35
CA ASN A 163 -1.77 1.69 20.45
C ASN A 163 -2.60 0.84 19.50
N VAL A 164 -3.91 0.80 19.68
CA VAL A 164 -4.75 0.09 18.72
C VAL A 164 -5.76 1.04 18.06
N ALA A 165 -5.69 1.18 16.75
CA ALA A 165 -6.62 2.01 15.98
C ALA A 165 -7.86 1.18 15.72
N ASP A 166 -8.96 1.52 16.39
CA ASP A 166 -10.12 0.66 16.35
C ASP A 166 -11.32 1.40 15.77
N TYR A 167 -11.16 2.68 15.44
CA TYR A 167 -12.23 3.36 14.70
C TYR A 167 -11.64 4.07 13.49
N PHE A 168 -12.42 4.19 12.43
CA PHE A 168 -12.02 4.67 11.12
C PHE A 168 -13.03 5.64 10.52
N SER A 169 -12.56 6.60 9.73
CA SER A 169 -13.49 7.64 9.29
C SER A 169 -13.14 8.25 7.95
N VAL A 170 -14.13 8.93 7.42
CA VAL A 170 -13.92 9.90 6.35
C VAL A 170 -14.42 11.24 6.89
N ASN A 171 -13.64 12.27 6.73
CA ASN A 171 -13.92 13.60 7.27
C ASN A 171 -14.37 13.53 8.72
N ALA A 172 -13.65 12.74 9.52
CA ALA A 172 -13.77 12.56 10.96
C ALA A 172 -15.08 11.97 11.43
N LYS A 173 -15.84 11.29 10.56
CA LYS A 173 -17.00 10.55 11.04
CA LYS A 173 -17.02 10.56 11.01
C LYS A 173 -16.92 9.10 10.54
N SER A 174 -17.45 8.22 11.37
CA SER A 174 -17.60 6.79 11.15
C SER A 174 -19.05 6.45 10.81
N PHE A 175 -19.28 5.68 9.76
CA PHE A 175 -20.62 5.23 9.42
C PHE A 175 -21.29 4.62 10.64
N PRO A 176 -22.55 4.93 10.94
CA PRO A 176 -23.49 5.67 10.10
C PRO A 176 -23.54 7.19 10.25
N LEU A 177 -22.58 7.78 10.96
CA LEU A 177 -22.57 9.23 11.16
C LEU A 177 -21.95 9.99 10.01
N THR A 178 -21.48 9.28 8.99
CA THR A 178 -21.05 9.95 7.78
C THR A 178 -22.29 10.42 7.03
N GLN A 179 -22.15 11.02 5.86
CA GLN A 179 -23.28 11.52 5.07
C GLN A 179 -23.20 10.97 3.66
N PRO A 180 -24.33 10.82 3.00
CA PRO A 180 -24.31 10.35 1.62
C PRO A 180 -23.75 11.40 0.66
N LEU A 181 -23.27 10.92 -0.47
CA LEU A 181 -22.83 11.72 -1.60
CA LEU A 181 -22.83 11.74 -1.59
C LEU A 181 -24.00 11.75 -2.59
N ARG A 182 -24.75 12.86 -2.61
CA ARG A 182 -25.95 12.93 -3.44
C ARG A 182 -25.66 13.50 -4.81
N VAL A 183 -26.04 12.74 -5.84
CA VAL A 183 -25.83 13.18 -7.20
C VAL A 183 -27.13 13.06 -7.99
N LYS A 184 -27.06 13.53 -9.21
CA LYS A 184 -28.16 13.26 -10.15
C LYS A 184 -27.55 12.82 -11.47
N LYS A 185 -28.34 12.10 -12.27
CA LYS A 185 -27.80 11.55 -13.51
C LYS A 185 -27.24 12.66 -14.37
N GLY A 186 -26.06 12.43 -14.96
CA GLY A 186 -25.43 13.48 -15.76
C GLY A 186 -24.38 14.23 -14.94
N ASP A 187 -24.42 14.17 -13.60
CA ASP A 187 -23.35 14.81 -12.84
C ASP A 187 -21.97 14.27 -13.24
N VAL A 188 -20.96 15.11 -13.14
CA VAL A 188 -19.55 14.75 -13.31
C VAL A 188 -18.84 15.08 -12.01
N VAL A 189 -18.44 14.02 -11.30
CA VAL A 189 -18.01 14.19 -9.91
C VAL A 189 -16.49 14.05 -9.76
N LYS A 190 -15.87 15.11 -9.26
CA LYS A 190 -14.43 15.04 -8.93
C LYS A 190 -14.32 14.66 -7.47
N ILE A 191 -13.60 13.58 -7.14
CA ILE A 191 -13.39 13.27 -5.73
C ILE A 191 -11.89 13.35 -5.46
N ARG A 192 -11.59 14.01 -4.36
CA ARG A 192 -10.20 14.17 -3.91
C ARG A 192 -10.00 13.38 -2.62
N PHE A 193 -9.20 12.31 -2.71
CA PHE A 193 -8.91 11.43 -1.59
C PHE A 193 -7.63 11.92 -0.89
N PHE A 194 -7.68 11.98 0.43
CA PHE A 194 -6.51 12.34 1.21
C PHE A 194 -6.20 11.28 2.28
N GLY A 195 -4.93 10.93 2.35
CA GLY A 195 -4.41 10.08 3.41
C GLY A 195 -3.99 10.96 4.59
N ALA A 196 -4.98 11.46 5.32
CA ALA A 196 -4.70 12.43 6.37
C ALA A 196 -4.09 11.77 7.60
N GLY A 197 -4.60 10.63 8.00
CA GLY A 197 -4.14 9.87 9.16
C GLY A 197 -3.02 8.89 8.85
N GLY A 198 -2.86 7.91 9.72
CA GLY A 198 -1.75 6.99 9.67
C GLY A 198 -2.11 5.66 9.01
N GLY A 199 -3.34 5.55 8.51
CA GLY A 199 -3.79 4.26 7.99
C GLY A 199 -3.70 4.19 6.48
N ILE A 200 -3.94 3.00 5.92
CA ILE A 200 -4.03 2.86 4.46
CA ILE A 200 -4.04 2.87 4.47
C ILE A 200 -5.51 2.57 4.16
N HIS A 201 -6.04 3.11 3.07
CA HIS A 201 -7.47 3.02 2.80
C HIS A 201 -7.65 2.65 1.33
N ALA A 202 -8.39 1.55 1.09
CA ALA A 202 -8.61 1.14 -0.28
C ALA A 202 -10.01 1.59 -0.72
N MET A 203 -10.07 2.77 -1.34
CA MET A 203 -11.42 3.33 -1.55
C MET A 203 -12.08 2.77 -2.78
N HIS A 204 -13.24 2.15 -2.61
CA HIS A 204 -13.93 1.44 -3.69
C HIS A 204 -15.33 2.02 -3.93
N SER A 205 -15.59 2.41 -5.16
CA SER A 205 -16.91 2.91 -5.56
C SER A 205 -17.77 1.80 -6.16
N HIS A 206 -18.87 1.43 -5.51
CA HIS A 206 -19.74 0.48 -6.22
C HIS A 206 -20.39 1.19 -7.42
N GLY A 207 -20.78 0.39 -8.41
CA GLY A 207 -21.58 0.87 -9.51
C GLY A 207 -20.89 1.73 -10.53
N HIS A 208 -19.62 2.10 -10.30
CA HIS A 208 -18.91 3.05 -11.12
C HIS A 208 -17.42 2.73 -11.16
N ASP A 209 -16.77 3.08 -12.27
CA ASP A 209 -15.31 3.13 -12.25
C ASP A 209 -14.87 4.56 -11.99
N MET A 210 -13.69 4.73 -11.41
CA MET A 210 -13.10 6.04 -11.21
C MET A 210 -11.98 6.21 -12.23
N LEU A 211 -11.94 7.39 -12.84
CA LEU A 211 -10.81 7.73 -13.70
C LEU A 211 -9.81 8.49 -12.84
N VAL A 212 -8.66 7.86 -12.59
CA VAL A 212 -7.66 8.51 -11.73
C VAL A 212 -6.89 9.54 -12.54
N THR A 213 -7.04 10.82 -12.22
CA THR A 213 -6.47 11.88 -13.03
C THR A 213 -5.29 12.61 -12.40
N HIS A 214 -5.17 12.64 -11.08
CA HIS A 214 -4.10 13.38 -10.43
C HIS A 214 -3.53 12.60 -9.25
N LYS A 215 -2.21 12.67 -9.14
CA LYS A 215 -1.48 12.13 -8.00
C LYS A 215 -0.81 13.31 -7.27
N ASP A 216 -1.07 13.41 -5.97
CA ASP A 216 -0.60 14.48 -5.10
C ASP A 216 -0.86 15.85 -5.75
N GLY A 217 -1.99 15.97 -6.45
CA GLY A 217 -2.45 17.20 -7.05
C GLY A 217 -1.93 17.53 -8.42
N LEU A 218 -0.98 16.77 -8.96
CA LEU A 218 -0.43 17.01 -10.29
C LEU A 218 -1.04 16.03 -11.28
N PRO A 219 -1.40 16.51 -12.46
CA PRO A 219 -2.14 15.71 -13.43
C PRO A 219 -1.28 14.63 -14.07
N LEU A 220 -1.81 13.40 -14.10
CA LEU A 220 -1.06 12.30 -14.69
C LEU A 220 -1.05 12.40 -16.22
N ASP A 221 0.11 12.13 -16.84
CA ASP A 221 0.13 12.08 -18.29
C ASP A 221 -0.69 10.86 -18.76
N SER A 222 -0.69 9.81 -17.93
CA SER A 222 -1.45 8.61 -18.29
CA SER A 222 -1.44 8.59 -18.27
C SER A 222 -2.51 8.28 -17.24
N PRO A 223 -3.65 8.95 -17.28
CA PRO A 223 -4.71 8.64 -16.34
C PRO A 223 -5.19 7.21 -16.54
N TYR A 224 -5.75 6.61 -15.51
CA TYR A 224 -6.17 5.22 -15.60
C TYR A 224 -7.43 5.01 -14.76
N TYR A 225 -8.23 4.07 -15.24
CA TYR A 225 -9.40 3.67 -14.48
C TYR A 225 -9.08 2.68 -13.37
N ALA A 226 -9.88 2.78 -12.33
CA ALA A 226 -9.84 1.93 -11.17
C ALA A 226 -11.23 1.84 -10.54
N ASP A 227 -11.50 0.71 -9.91
CA ASP A 227 -12.69 0.68 -9.04
C ASP A 227 -12.26 0.71 -7.59
N THR A 228 -10.97 0.52 -7.31
CA THR A 228 -10.42 0.55 -5.94
C THR A 228 -9.12 1.35 -5.92
N VAL A 229 -9.05 2.47 -5.19
CA VAL A 229 -7.86 3.32 -5.17
C VAL A 229 -7.25 3.27 -3.78
N LEU A 230 -5.99 2.82 -3.71
CA LEU A 230 -5.30 2.74 -2.43
C LEU A 230 -4.73 4.09 -2.04
N VAL A 231 -5.13 4.57 -0.87
CA VAL A 231 -4.67 5.86 -0.37
C VAL A 231 -3.87 5.69 0.92
N SER A 232 -2.62 6.12 0.96
CA SER A 232 -1.73 5.89 2.10
CA SER A 232 -1.75 5.90 2.11
C SER A 232 -1.31 7.23 2.69
N PRO A 233 -0.79 7.25 3.90
CA PRO A 233 -0.51 8.56 4.55
C PRO A 233 0.33 9.52 3.72
N GLY A 234 -0.22 10.74 3.66
CA GLY A 234 0.40 11.85 2.95
C GLY A 234 -0.10 12.02 1.54
N GLU A 235 -0.57 10.95 0.89
CA GLU A 235 -0.92 11.05 -0.52
C GLU A 235 -2.28 11.72 -0.78
N ARG A 236 -2.44 12.25 -1.98
CA ARG A 236 -3.78 12.55 -2.48
C ARG A 236 -3.96 11.89 -3.86
N TYR A 237 -5.17 11.45 -4.13
CA TYR A 237 -5.56 11.08 -5.49
C TYR A 237 -6.80 11.84 -5.94
N ASP A 238 -6.79 12.39 -7.14
CA ASP A 238 -8.04 12.98 -7.67
C ASP A 238 -8.63 12.00 -8.68
N VAL A 239 -9.93 11.77 -8.62
CA VAL A 239 -10.57 10.90 -9.61
C VAL A 239 -11.79 11.61 -10.22
N ILE A 240 -12.29 11.06 -11.32
CA ILE A 240 -13.55 11.53 -11.88
C ILE A 240 -14.51 10.35 -11.93
N ILE A 241 -15.72 10.56 -11.43
CA ILE A 241 -16.79 9.58 -11.67
C ILE A 241 -17.88 10.21 -12.55
N GLU A 242 -18.20 9.58 -13.67
CA GLU A 242 -19.39 10.02 -14.44
C GLU A 242 -20.65 9.46 -13.80
N ALA A 243 -21.55 10.31 -13.31
CA ALA A 243 -22.72 9.78 -12.62
C ALA A 243 -23.81 9.44 -13.63
N ASP A 244 -23.61 8.28 -14.27
CA ASP A 244 -24.55 7.94 -15.34
C ASP A 244 -25.25 6.61 -15.06
N ASN A 245 -25.31 6.21 -13.80
CA ASN A 245 -25.82 4.92 -13.43
C ASN A 245 -26.70 4.99 -12.18
N PRO A 246 -27.93 5.48 -12.32
CA PRO A 246 -28.78 5.72 -11.14
C PRO A 246 -29.03 4.47 -10.30
N GLY A 247 -28.76 4.63 -9.02
CA GLY A 247 -28.99 3.60 -8.01
C GLY A 247 -28.62 4.20 -6.64
N ARG A 248 -28.53 3.34 -5.64
CA ARG A 248 -27.90 3.63 -4.38
C ARG A 248 -26.63 2.76 -4.32
N PHE A 249 -25.49 3.42 -4.46
CA PHE A 249 -24.23 2.71 -4.63
C PHE A 249 -23.25 3.08 -3.54
N ILE A 250 -22.98 2.10 -2.68
CA ILE A 250 -22.11 2.33 -1.51
C ILE A 250 -20.69 2.58 -2.02
N PHE A 251 -19.93 3.34 -1.25
CA PHE A 251 -18.60 3.83 -1.63
C PHE A 251 -17.80 3.72 -0.33
N HIS A 252 -16.75 2.92 -0.27
CA HIS A 252 -16.18 2.62 1.04
C HIS A 252 -14.73 2.13 0.95
N ASP A 253 -14.07 2.22 2.09
CA ASP A 253 -12.74 1.63 2.35
C ASP A 253 -12.90 0.12 2.27
N HIS A 254 -12.11 -0.56 1.45
CA HIS A 254 -12.34 -2.00 1.26
C HIS A 254 -11.49 -2.83 2.21
N VAL A 255 -10.68 -2.15 3.02
CA VAL A 255 -9.82 -2.81 3.99
C VAL A 255 -10.73 -3.38 5.07
N ASP A 256 -10.80 -4.70 5.18
CA ASP A 256 -11.81 -5.39 5.97
C ASP A 256 -11.92 -4.85 7.39
N THR A 257 -10.84 -4.71 8.13
CA THR A 257 -10.98 -4.28 9.53
C THR A 257 -11.43 -2.81 9.64
N HIS A 258 -11.40 -2.09 8.51
CA HIS A 258 -11.73 -0.67 8.54
C HIS A 258 -13.23 -0.43 8.49
N VAL A 259 -14.00 -1.49 8.19
CA VAL A 259 -15.45 -1.26 8.19
C VAL A 259 -16.05 -1.78 9.48
N THR A 260 -15.35 -1.45 10.57
CA THR A 260 -15.79 -1.80 11.92
C THR A 260 -15.71 -0.52 12.77
N ALA A 261 -16.29 -0.54 13.94
CA ALA A 261 -16.25 0.55 14.91
C ALA A 261 -16.18 -0.05 16.31
N GLY A 262 -15.06 0.09 16.98
CA GLY A 262 -14.94 -0.51 18.31
C GLY A 262 -15.18 -2.01 18.26
N GLY A 263 -14.77 -2.65 17.16
CA GLY A 263 -14.98 -4.09 17.02
C GLY A 263 -16.33 -4.43 16.45
N LYS A 264 -17.23 -3.46 16.24
CA LYS A 264 -18.53 -3.79 15.68
C LYS A 264 -18.67 -3.28 14.24
N HIS A 265 -19.54 -3.95 13.48
CA HIS A 265 -19.81 -3.69 12.08
C HIS A 265 -21.31 -3.45 11.91
N PRO A 266 -21.72 -2.55 11.04
CA PRO A 266 -20.81 -1.75 10.23
C PRO A 266 -20.41 -0.44 10.90
N GLY A 267 -19.38 0.15 10.29
CA GLY A 267 -18.84 1.44 10.68
C GLY A 267 -17.70 1.79 9.75
N GLY A 268 -16.97 2.86 10.06
CA GLY A 268 -15.80 3.17 9.26
C GLY A 268 -16.09 4.11 8.12
N PRO A 269 -15.15 4.23 7.18
CA PRO A 269 -15.28 5.17 6.07
C PRO A 269 -16.19 4.61 4.98
N ILE A 270 -17.48 4.82 5.19
CA ILE A 270 -18.51 4.38 4.28
C ILE A 270 -19.47 5.54 3.97
N THR A 271 -19.75 5.74 2.69
CA THR A 271 -20.83 6.65 2.30
C THR A 271 -21.68 5.90 1.28
N VAL A 272 -22.69 6.55 0.74
CA VAL A 272 -23.53 5.97 -0.32
C VAL A 272 -23.67 7.02 -1.41
N ILE A 273 -23.38 6.63 -2.65
CA ILE A 273 -23.69 7.53 -3.77
C ILE A 273 -25.20 7.39 -4.00
N GLU A 274 -25.94 8.42 -3.60
CA GLU A 274 -27.40 8.42 -3.73
C GLU A 274 -27.84 9.23 -4.94
N TYR A 275 -28.42 8.60 -5.96
CA TYR A 275 -28.94 9.35 -7.12
C TYR A 275 -30.34 9.88 -6.79
N ASP A 276 -30.55 11.15 -7.09
CA ASP A 276 -31.79 11.83 -6.73
C ASP A 276 -33.02 11.06 -7.21
N GLY A 277 -32.97 10.48 -8.40
CA GLY A 277 -34.14 9.92 -9.04
C GLY A 277 -34.62 8.60 -8.50
N VAL A 278 -33.85 7.96 -7.62
CA VAL A 278 -34.17 6.61 -7.15
C VAL A 278 -35.12 6.65 -5.96
N PRO A 279 -36.29 6.02 -6.13
CA PRO A 279 -37.24 5.98 -5.01
C PRO A 279 -36.61 5.31 -3.79
N VAL A 280 -36.88 5.84 -2.61
CA VAL A 280 -36.33 5.35 -1.34
C VAL A 280 -37.16 4.22 -0.76
N ASP A 281 -36.51 3.09 -0.46
CA ASP A 281 -37.22 1.96 0.11
C ASP A 281 -37.32 2.18 1.61
N ASP A 282 -38.33 1.62 2.27
CA ASP A 282 -38.47 1.77 3.71
C ASP A 282 -37.35 1.11 4.50
N TRP A 283 -36.65 0.13 3.93
CA TRP A 283 -35.61 -0.51 4.73
C TRP A 283 -34.25 0.12 4.49
N TYR A 284 -34.21 1.12 3.60
CA TYR A 284 -32.93 1.79 3.35
C TYR A 284 -32.34 2.37 4.61
N VAL A 285 -31.09 2.02 4.90
CA VAL A 285 -30.45 2.46 6.12
C VAL A 285 -30.47 3.97 6.30
N TRP A 286 -30.40 4.76 5.24
CA TRP A 286 -30.32 6.21 5.45
C TRP A 286 -31.58 6.94 5.05
N LYS A 287 -32.73 6.25 5.12
CA LYS A 287 -34.00 6.92 4.82
C LYS A 287 -34.20 8.05 5.82
N ASP A 288 -34.71 9.21 5.40
CA ASP A 288 -34.82 10.26 6.43
C ASP A 288 -33.51 10.66 7.11
N LYS A 289 -32.35 10.45 6.51
CA LYS A 289 -31.12 10.98 7.10
C LYS A 289 -31.21 12.48 7.35
N ASP A 290 -30.75 12.95 8.50
CA ASP A 290 -30.56 14.38 8.71
C ASP A 290 -29.37 14.87 7.89
N TYR A 291 -29.58 15.36 6.70
CA TYR A 291 -28.61 15.52 5.65
C TYR A 291 -27.78 16.79 5.71
N ASP A 292 -26.46 16.63 5.59
CA ASP A 292 -25.49 17.71 5.44
C ASP A 292 -24.91 17.74 4.04
N PRO A 293 -25.37 18.68 3.21
CA PRO A 293 -24.91 18.74 1.82
C PRO A 293 -23.45 19.19 1.73
N ASN A 294 -22.87 19.61 2.85
CA ASN A 294 -21.48 20.09 2.76
C ASN A 294 -20.51 19.15 3.47
N PHE A 295 -20.94 17.92 3.70
CA PHE A 295 -20.10 16.96 4.42
C PHE A 295 -18.78 16.70 3.69
N PHE A 296 -18.77 16.87 2.39
CA PHE A 296 -17.56 16.70 1.59
C PHE A 296 -17.05 18.02 1.02
N TYR A 297 -17.44 19.10 1.70
CA TYR A 297 -17.06 20.46 1.36
C TYR A 297 -17.56 20.84 -0.03
N SER A 298 -18.50 20.08 -0.60
CA SER A 298 -18.90 20.40 -1.99
C SER A 298 -19.61 21.73 -2.16
N GLU A 299 -20.28 22.23 -1.12
CA GLU A 299 -20.89 23.56 -1.25
C GLU A 299 -19.82 24.63 -1.08
N SER A 300 -19.01 24.56 -0.03
CA SER A 300 -17.90 25.51 0.10
C SER A 300 -17.02 25.64 -1.15
N LEU A 301 -16.79 24.53 -1.85
CA LEU A 301 -15.93 24.52 -3.01
C LEU A 301 -16.51 25.32 -4.17
N LYS A 302 -17.81 25.62 -4.13
CA LYS A 302 -18.45 26.41 -5.17
C LYS A 302 -18.50 27.89 -4.77
N GLN A 303 -18.08 28.21 -3.55
CA GLN A 303 -18.39 29.56 -3.08
C GLN A 303 -17.30 30.60 -3.26
N GLY A 304 -16.30 30.35 -4.08
CA GLY A 304 -15.23 31.31 -4.37
C GLY A 304 -13.95 31.14 -3.58
N TYR A 305 -12.90 31.88 -3.92
CA TYR A 305 -11.65 31.73 -3.18
C TYR A 305 -11.79 32.26 -1.76
N GLY A 306 -11.06 31.69 -0.81
CA GLY A 306 -11.15 32.15 0.56
C GLY A 306 -10.98 31.01 1.54
N MET A 307 -11.32 31.25 2.80
CA MET A 307 -11.23 30.16 3.77
C MET A 307 -12.62 29.88 4.34
N PHE A 308 -13.00 28.61 4.44
CA PHE A 308 -14.36 28.25 4.82
C PHE A 308 -14.43 27.29 5.99
N ASP A 309 -15.09 27.71 7.05
CA ASP A 309 -15.42 26.83 8.16
C ASP A 309 -16.65 26.00 7.78
N HIS A 310 -16.88 24.97 8.58
CA HIS A 310 -18.14 24.24 8.39
C HIS A 310 -18.62 23.71 9.72
N ASP A 311 -19.86 24.12 10.08
CA ASP A 311 -20.31 23.78 11.41
C ASP A 311 -20.56 22.29 11.54
N GLY A 312 -20.67 21.60 10.39
CA GLY A 312 -20.93 20.15 10.51
C GLY A 312 -19.69 19.44 11.03
N PHE A 313 -18.56 20.13 10.97
CA PHE A 313 -17.29 19.56 11.42
C PHE A 313 -16.87 20.11 12.77
N LYS A 314 -17.70 20.97 13.38
CA LYS A 314 -17.24 21.66 14.58
C LYS A 314 -17.37 20.79 15.82
N GLY A 315 -16.41 20.88 16.76
CA GLY A 315 -16.62 20.10 17.98
C GLY A 315 -17.05 21.02 19.12
N GLU A 316 -17.15 20.47 20.32
CA GLU A 316 -17.58 21.16 21.53
C GLU A 316 -16.43 21.65 22.41
N PHE A 317 -16.45 22.94 22.76
CA PHE A 317 -15.50 23.47 23.73
C PHE A 317 -15.75 22.93 25.14
N GLU A 318 -14.74 22.86 26.01
CA GLU A 318 -14.97 22.40 27.38
C GLU A 318 -15.85 23.39 28.14
N ALA B 2 32.27 -7.09 -18.40
CA ALA B 2 33.46 -7.48 -17.68
C ALA B 2 33.14 -8.41 -16.51
N GLU B 3 34.12 -9.20 -16.07
CA GLU B 3 33.88 -10.09 -14.96
C GLU B 3 34.19 -9.40 -13.64
N ARG B 4 33.25 -9.45 -12.71
CA ARG B 4 33.49 -8.82 -11.42
C ARG B 4 33.39 -9.85 -10.31
N GLU B 5 34.51 -10.12 -9.66
CA GLU B 5 34.46 -11.14 -8.61
C GLU B 5 34.78 -10.54 -7.26
N PHE B 6 34.01 -10.97 -6.25
CA PHE B 6 34.36 -10.45 -4.92
C PHE B 6 33.93 -11.48 -3.88
N ASP B 7 34.40 -11.15 -2.67
CA ASP B 7 34.23 -11.99 -1.50
C ASP B 7 33.37 -11.28 -0.47
N MET B 8 32.34 -12.01 -0.07
CA MET B 8 31.42 -11.57 0.96
CA MET B 8 31.42 -11.57 0.96
C MET B 8 31.39 -12.55 2.11
N THR B 9 31.31 -12.04 3.33
CA THR B 9 31.14 -12.91 4.49
C THR B 9 29.80 -12.55 5.15
N ILE B 10 29.40 -13.41 6.05
CA ILE B 10 28.23 -13.15 6.90
C ILE B 10 28.72 -13.18 8.34
N GLU B 11 28.45 -12.12 9.10
CA GLU B 11 29.02 -12.00 10.44
C GLU B 11 27.98 -11.71 11.49
N GLU B 12 28.19 -12.24 12.70
CA GLU B 12 27.37 -11.86 13.84
C GLU B 12 27.92 -10.57 14.44
N VAL B 13 27.17 -9.48 14.27
CA VAL B 13 27.65 -8.22 14.84
C VAL B 13 26.49 -7.48 15.48
N THR B 14 26.81 -6.41 16.20
CA THR B 14 25.78 -5.56 16.80
C THR B 14 25.84 -4.14 16.24
N ILE B 15 24.67 -3.58 15.90
CA ILE B 15 24.70 -2.23 15.38
C ILE B 15 23.86 -1.31 16.26
N LYS B 16 24.07 0.01 16.18
CA LYS B 16 23.18 0.89 16.92
C LYS B 16 22.07 1.40 16.00
N VAL B 17 20.83 1.07 16.29
CA VAL B 17 19.76 1.52 15.39
C VAL B 17 19.19 2.86 15.84
N ALA B 18 19.06 3.03 17.14
CA ALA B 18 18.51 4.23 17.74
C ALA B 18 19.21 4.49 19.07
N PRO B 19 19.19 5.71 19.57
CA PRO B 19 19.71 5.95 20.94
C PRO B 19 19.03 4.98 21.88
N GLY B 20 19.84 4.19 22.59
CA GLY B 20 19.26 3.19 23.45
C GLY B 20 18.95 1.86 22.80
N LEU B 21 19.01 1.73 21.47
CA LEU B 21 18.70 0.42 20.90
C LEU B 21 19.89 -0.09 20.08
N ASP B 22 20.58 -1.07 20.67
CA ASP B 22 21.59 -1.85 19.97
C ASP B 22 20.89 -3.14 19.50
N TYR B 23 21.22 -3.63 18.33
CA TYR B 23 20.54 -4.74 17.69
C TYR B 23 21.53 -5.76 17.12
N LYS B 24 21.34 -7.01 17.50
CA LYS B 24 22.08 -8.16 17.00
C LYS B 24 21.63 -8.46 15.57
N VAL B 25 22.54 -8.41 14.62
CA VAL B 25 22.16 -8.60 13.21
C VAL B 25 23.11 -9.61 12.57
N PHE B 26 22.78 -10.03 11.36
CA PHE B 26 23.62 -10.92 10.56
C PHE B 26 24.12 -10.10 9.39
N GLY B 27 25.22 -9.37 9.61
CA GLY B 27 25.66 -8.41 8.63
C GLY B 27 26.54 -8.98 7.53
N PHE B 28 26.17 -8.68 6.28
CA PHE B 28 27.06 -9.00 5.16
C PHE B 28 28.33 -8.14 5.35
N ASN B 29 29.49 -8.77 5.35
CA ASN B 29 30.75 -8.09 5.68
C ASN B 29 30.63 -7.31 6.99
N GLY B 30 29.85 -7.80 7.93
CA GLY B 30 29.67 -7.22 9.23
C GLY B 30 29.10 -5.83 9.23
N GLN B 31 28.26 -5.52 8.23
CA GLN B 31 27.68 -4.18 8.21
C GLN B 31 26.23 -4.24 7.73
N VAL B 32 25.48 -3.24 8.13
CA VAL B 32 24.08 -3.05 7.78
C VAL B 32 23.90 -1.58 7.40
N PRO B 33 23.45 -1.19 6.21
CA PRO B 33 23.25 -1.97 5.01
C PRO B 33 24.47 -2.78 4.55
N GLY B 34 24.21 -3.90 3.88
CA GLY B 34 25.30 -4.70 3.33
C GLY B 34 26.12 -3.87 2.36
N PRO B 35 27.25 -4.40 1.91
CA PRO B 35 28.09 -3.67 0.96
C PRO B 35 27.35 -3.28 -0.30
N LEU B 36 27.68 -2.13 -0.88
CA LEU B 36 27.10 -1.78 -2.18
C LEU B 36 27.74 -2.59 -3.28
N ILE B 37 26.94 -3.22 -4.13
CA ILE B 37 27.52 -3.82 -5.34
C ILE B 37 27.11 -2.97 -6.51
N HIS B 38 28.05 -2.44 -7.27
CA HIS B 38 27.72 -1.57 -8.40
C HIS B 38 28.35 -2.15 -9.66
N VAL B 39 27.57 -2.57 -10.64
CA VAL B 39 28.13 -3.15 -11.85
C VAL B 39 27.50 -2.52 -13.09
N GLN B 40 27.97 -2.91 -14.28
CA GLN B 40 27.34 -2.52 -15.53
C GLN B 40 26.50 -3.67 -16.10
N GLU B 41 25.45 -3.25 -16.80
CA GLU B 41 24.58 -4.10 -17.58
C GLU B 41 25.42 -5.08 -18.40
N GLY B 42 25.22 -6.36 -18.23
CA GLY B 42 25.99 -7.31 -19.04
C GLY B 42 27.18 -7.89 -18.29
N ASP B 43 27.60 -7.29 -17.18
CA ASP B 43 28.71 -7.84 -16.41
C ASP B 43 28.41 -9.25 -15.90
N ASP B 44 29.47 -10.04 -15.88
CA ASP B 44 29.45 -11.36 -15.26
C ASP B 44 29.93 -11.22 -13.81
N VAL B 45 29.05 -11.62 -12.90
CA VAL B 45 29.31 -11.44 -11.48
C VAL B 45 29.59 -12.78 -10.80
N ILE B 46 30.60 -12.80 -9.95
CA ILE B 46 30.94 -13.97 -9.16
C ILE B 46 31.09 -13.53 -7.70
N VAL B 47 30.29 -14.14 -6.84
CA VAL B 47 30.34 -13.77 -5.43
C VAL B 47 30.68 -14.98 -4.57
N ASN B 48 31.82 -14.93 -3.89
CA ASN B 48 32.21 -16.02 -3.01
C ASN B 48 31.76 -15.73 -1.59
N VAL B 49 30.83 -16.53 -1.08
CA VAL B 49 30.21 -16.27 0.22
C VAL B 49 30.66 -17.24 1.31
N THR B 50 31.11 -16.68 2.43
CA THR B 50 31.46 -17.41 3.62
C THR B 50 30.58 -17.01 4.81
N ASN B 51 29.89 -18.02 5.34
CA ASN B 51 29.02 -17.89 6.48
C ASN B 51 29.79 -18.01 7.79
N ASN B 52 30.11 -16.87 8.41
CA ASN B 52 30.81 -16.92 9.68
C ASN B 52 29.85 -16.75 10.84
N THR B 53 28.61 -17.20 10.65
CA THR B 53 27.66 -17.17 11.77
C THR B 53 27.24 -18.56 12.18
N SER B 54 26.39 -18.58 13.20
CA SER B 54 26.03 -19.85 13.81
C SER B 54 24.79 -20.42 13.14
N LEU B 55 24.26 -19.72 12.15
CA LEU B 55 23.02 -20.18 11.51
C LEU B 55 23.17 -20.29 10.00
N PRO B 56 22.35 -21.11 9.32
CA PRO B 56 22.40 -21.15 7.86
C PRO B 56 21.75 -19.92 7.22
N HIS B 57 22.26 -19.51 6.06
CA HIS B 57 21.78 -18.43 5.22
C HIS B 57 21.93 -18.80 3.75
N THR B 58 21.40 -17.93 2.89
CA THR B 58 21.70 -17.90 1.47
C THR B 58 21.77 -16.42 1.05
N ILE B 59 22.11 -16.18 -0.21
CA ILE B 59 21.93 -14.82 -0.73
C ILE B 59 21.08 -14.91 -2.01
N HIS B 60 19.94 -14.24 -2.01
CA HIS B 60 19.08 -14.18 -3.20
C HIS B 60 19.33 -12.80 -3.82
N TRP B 61 19.40 -12.69 -5.14
CA TRP B 61 19.71 -11.45 -5.86
C TRP B 61 18.41 -10.95 -6.47
N HIS B 62 17.74 -10.04 -5.77
CA HIS B 62 16.36 -9.67 -6.11
C HIS B 62 16.35 -8.72 -7.29
N GLY B 63 15.72 -9.19 -8.36
CA GLY B 63 15.65 -8.44 -9.61
C GLY B 63 16.52 -9.12 -10.66
N VAL B 64 17.49 -9.91 -10.21
CA VAL B 64 18.40 -10.62 -11.11
C VAL B 64 17.63 -11.80 -11.72
N HIS B 65 17.56 -11.87 -13.06
CA HIS B 65 16.72 -12.90 -13.70
C HIS B 65 17.32 -14.29 -13.50
N GLN B 66 18.65 -14.35 -13.42
CA GLN B 66 19.32 -15.65 -13.35
C GLN B 66 19.02 -16.45 -14.62
N LYS B 67 19.17 -15.80 -15.77
CA LYS B 67 18.93 -16.43 -17.05
C LYS B 67 19.89 -17.60 -17.26
N GLY B 68 19.40 -18.82 -17.27
CA GLY B 68 20.25 -19.99 -17.41
C GLY B 68 21.12 -20.21 -16.18
N THR B 69 20.84 -19.53 -15.07
CA THR B 69 21.62 -19.69 -13.85
C THR B 69 20.72 -19.81 -12.62
N TRP B 70 19.56 -20.46 -12.77
CA TRP B 70 18.57 -20.48 -11.69
C TRP B 70 19.15 -21.05 -10.41
N ARG B 71 20.15 -21.93 -10.53
CA ARG B 71 20.78 -22.51 -9.36
C ARG B 71 21.58 -21.49 -8.55
N SER B 72 21.68 -20.27 -9.03
CA SER B 72 22.29 -19.18 -8.27
C SER B 72 21.23 -18.25 -7.67
N ASP B 73 19.97 -18.65 -7.73
CA ASP B 73 18.91 -17.77 -7.23
C ASP B 73 18.92 -17.61 -5.71
N GLY B 74 19.56 -18.49 -4.93
CA GLY B 74 19.70 -18.30 -3.49
C GLY B 74 18.50 -18.68 -2.66
N VAL B 75 17.66 -19.62 -3.12
CA VAL B 75 16.48 -20.01 -2.36
C VAL B 75 16.59 -21.43 -1.81
N PRO B 76 16.58 -21.54 -0.49
CA PRO B 76 16.89 -22.82 0.13
C PRO B 76 15.75 -23.79 -0.11
N GLY B 77 16.07 -25.03 -0.46
CA GLY B 77 15.04 -26.02 -0.70
C GLY B 77 14.39 -25.89 -2.08
N VAL B 78 14.75 -24.88 -2.85
CA VAL B 78 14.21 -24.67 -4.20
C VAL B 78 15.35 -24.62 -5.20
N THR B 79 16.40 -23.82 -4.96
CA THR B 79 17.50 -23.72 -5.90
C THR B 79 18.83 -24.19 -5.30
N GLN B 80 18.91 -24.32 -3.99
CA GLN B 80 20.12 -24.81 -3.35
C GLN B 80 19.82 -25.32 -1.95
N GLN B 81 20.77 -26.07 -1.39
CA GLN B 81 20.75 -26.40 0.03
C GLN B 81 21.34 -25.16 0.72
N PRO B 82 20.96 -24.87 1.94
CA PRO B 82 21.46 -23.66 2.61
C PRO B 82 22.98 -23.64 2.74
N ILE B 83 23.54 -22.44 2.94
CA ILE B 83 24.94 -22.34 3.33
C ILE B 83 25.02 -22.52 4.85
N GLU B 84 25.48 -23.67 5.31
CA GLU B 84 25.55 -23.92 6.74
C GLU B 84 26.59 -23.04 7.44
N ALA B 85 26.44 -22.96 8.76
CA ALA B 85 27.40 -22.21 9.57
C ALA B 85 28.82 -22.64 9.24
N GLY B 86 29.71 -21.73 8.90
CA GLY B 86 31.09 -22.09 8.62
C GLY B 86 31.39 -22.41 7.18
N ASP B 87 30.36 -22.69 6.37
CA ASP B 87 30.68 -23.04 5.00
C ASP B 87 30.70 -21.85 4.05
N SER B 88 31.09 -22.14 2.83
CA SER B 88 31.22 -21.18 1.75
C SER B 88 30.41 -21.66 0.55
N TYR B 89 30.04 -20.72 -0.30
CA TYR B 89 29.20 -20.96 -1.47
C TYR B 89 29.50 -19.87 -2.50
N THR B 90 29.56 -20.24 -3.78
CA THR B 90 29.81 -19.24 -4.80
C THR B 90 28.60 -19.00 -5.69
N TYR B 91 28.20 -17.74 -5.84
CA TYR B 91 27.11 -17.41 -6.75
C TYR B 91 27.70 -16.90 -8.06
N LYS B 92 27.12 -17.29 -9.20
CA LYS B 92 27.56 -16.75 -10.49
C LYS B 92 26.36 -16.29 -11.30
N PHE B 93 26.34 -15.03 -11.74
CA PHE B 93 25.23 -14.66 -12.62
C PHE B 93 25.64 -13.52 -13.56
N LYS B 94 24.92 -13.36 -14.66
CA LYS B 94 25.09 -12.24 -15.57
C LYS B 94 24.15 -11.10 -15.20
N ALA B 95 24.66 -9.89 -15.03
CA ALA B 95 23.81 -8.73 -14.69
C ALA B 95 23.14 -8.19 -15.95
N ASP B 96 22.22 -8.96 -16.53
CA ASP B 96 21.56 -8.48 -17.73
CA ASP B 96 21.48 -8.60 -17.72
C ASP B 96 20.28 -7.71 -17.43
N ARG B 97 19.87 -7.63 -16.18
CA ARG B 97 18.69 -6.82 -15.82
C ARG B 97 19.15 -5.48 -15.25
N ILE B 98 18.69 -4.36 -15.81
CA ILE B 98 19.27 -3.10 -15.37
C ILE B 98 18.62 -2.53 -14.11
N GLY B 99 19.25 -1.51 -13.52
CA GLY B 99 18.60 -0.72 -12.51
C GLY B 99 18.90 -0.98 -11.05
N THR B 100 18.03 -0.39 -10.23
CA THR B 100 18.04 -0.56 -8.79
C THR B 100 17.57 -1.94 -8.36
N LEU B 101 18.54 -2.83 -8.08
CA LEU B 101 18.22 -4.16 -7.59
C LEU B 101 18.69 -4.27 -6.15
N TRP B 102 18.47 -5.43 -5.52
CA TRP B 102 19.05 -5.59 -4.17
C TRP B 102 19.34 -7.08 -3.96
N TYR B 103 19.89 -7.40 -2.80
CA TYR B 103 20.17 -8.79 -2.42
C TYR B 103 19.80 -8.97 -0.95
N HIS B 104 19.45 -10.19 -0.57
CA HIS B 104 19.08 -10.40 0.83
C HIS B 104 19.11 -11.90 1.09
N CYS B 105 19.19 -12.27 2.35
CA CYS B 105 19.15 -13.70 2.68
C CYS B 105 17.79 -14.28 2.34
N HIS B 106 17.70 -15.56 2.00
CA HIS B 106 16.39 -16.16 1.71
C HIS B 106 16.07 -17.35 2.58
N VAL B 107 16.81 -17.48 3.68
CA VAL B 107 16.52 -18.40 4.76
C VAL B 107 15.82 -17.67 5.91
N ASN B 108 14.71 -18.18 6.45
CA ASN B 108 14.07 -17.54 7.60
C ASN B 108 13.83 -16.06 7.40
N VAL B 109 13.27 -15.71 6.24
CA VAL B 109 13.31 -14.30 5.80
C VAL B 109 12.56 -13.37 6.74
N ASN B 110 11.47 -13.86 7.36
CA ASN B 110 10.70 -12.98 8.23
C ASN B 110 11.59 -12.40 9.33
N GLU B 111 12.52 -13.22 9.83
CA GLU B 111 13.45 -12.68 10.82
C GLU B 111 14.70 -12.10 10.18
N HIS B 112 15.34 -12.86 9.30
CA HIS B 112 16.68 -12.48 8.85
C HIS B 112 16.65 -11.20 8.02
N VAL B 113 15.63 -11.12 7.17
CA VAL B 113 15.52 -9.90 6.35
C VAL B 113 14.75 -8.88 7.17
N GLY B 114 13.74 -9.37 7.89
CA GLY B 114 12.89 -8.48 8.65
C GLY B 114 13.60 -7.74 9.74
N VAL B 115 14.42 -8.39 10.56
CA VAL B 115 15.03 -7.64 11.66
C VAL B 115 16.51 -7.91 11.79
N ARG B 116 17.14 -8.75 10.94
CA ARG B 116 18.57 -9.00 11.18
C ARG B 116 19.44 -8.37 10.11
N GLY B 117 18.94 -7.45 9.32
CA GLY B 117 19.79 -6.63 8.47
C GLY B 117 20.40 -7.36 7.28
N MET B 118 19.83 -8.49 6.84
CA MET B 118 20.52 -9.24 5.79
C MET B 118 20.10 -8.76 4.42
N TRP B 119 20.53 -7.56 4.08
CA TRP B 119 20.17 -6.95 2.79
C TRP B 119 21.19 -5.88 2.46
N GLY B 120 21.29 -5.58 1.18
CA GLY B 120 22.09 -4.53 0.60
C GLY B 120 21.71 -4.19 -0.82
N PRO B 121 22.24 -3.09 -1.35
CA PRO B 121 21.84 -2.69 -2.69
C PRO B 121 22.71 -3.26 -3.80
N LEU B 122 22.05 -3.55 -4.91
CA LEU B 122 22.78 -4.01 -6.09
C LEU B 122 22.38 -3.10 -7.25
N ILE B 123 23.27 -2.22 -7.67
CA ILE B 123 22.95 -1.25 -8.70
C ILE B 123 23.56 -1.63 -10.05
N VAL B 124 22.72 -1.81 -11.05
CA VAL B 124 23.23 -2.19 -12.36
C VAL B 124 23.07 -1.01 -13.31
N ASP B 125 24.16 -0.44 -13.81
CA ASP B 125 24.07 0.70 -14.69
C ASP B 125 23.63 0.30 -16.10
N PRO B 126 22.59 0.93 -16.65
CA PRO B 126 22.17 0.56 -18.01
C PRO B 126 23.14 1.09 -19.05
N LYS B 127 23.30 0.32 -20.13
CA LYS B 127 24.03 0.83 -21.28
C LYS B 127 23.41 2.15 -21.74
N GLN B 128 22.08 2.21 -21.71
CA GLN B 128 21.38 3.39 -22.21
C GLN B 128 20.57 4.07 -21.11
N PRO B 129 21.22 4.87 -20.27
CA PRO B 129 20.45 5.56 -19.23
C PRO B 129 19.44 6.50 -19.87
N LEU B 130 18.44 6.89 -19.10
CA LEU B 130 17.57 7.98 -19.56
C LEU B 130 18.36 9.28 -19.60
N PRO B 131 17.92 10.19 -20.45
CA PRO B 131 18.57 11.50 -20.52
C PRO B 131 18.61 12.16 -19.14
N ILE B 132 17.49 12.04 -18.38
CA ILE B 132 17.55 12.73 -17.09
C ILE B 132 18.61 12.09 -16.20
N GLU B 133 18.82 10.78 -16.33
CA GLU B 133 19.85 10.14 -15.52
C GLU B 133 21.23 10.68 -15.85
N LYS B 134 21.39 11.10 -17.10
CA LYS B 134 22.66 11.68 -17.52
C LYS B 134 22.96 12.98 -16.79
N ARG B 135 21.94 13.66 -16.27
CA ARG B 135 22.09 15.00 -15.69
C ARG B 135 22.34 14.90 -14.19
N VAL B 136 22.25 13.69 -13.66
CA VAL B 136 22.28 13.46 -12.22
C VAL B 136 23.62 13.86 -11.64
N THR B 137 23.64 14.62 -10.55
CA THR B 137 24.92 15.00 -9.94
C THR B 137 25.13 14.28 -8.62
N LYS B 138 24.05 13.70 -8.09
CA LYS B 138 24.20 12.97 -6.85
C LYS B 138 23.23 11.77 -6.84
N ASP B 139 23.73 10.60 -6.50
CA ASP B 139 22.96 9.34 -6.50
C ASP B 139 22.82 8.87 -5.06
N VAL B 140 21.59 8.55 -4.65
CA VAL B 140 21.24 8.39 -3.25
C VAL B 140 20.51 7.09 -2.96
N ILE B 141 21.03 6.23 -2.10
CA ILE B 141 20.34 5.00 -1.75
C ILE B 141 19.68 5.10 -0.37
N MET B 142 18.39 4.79 -0.29
CA MET B 142 17.61 4.83 0.93
C MET B 142 16.89 3.50 1.15
N MET B 143 17.45 2.65 1.98
CA MET B 143 16.82 1.35 2.29
C MET B 143 16.08 1.41 3.61
N MET B 144 14.76 1.28 3.55
CA MET B 144 13.89 1.37 4.71
C MET B 144 13.62 0.01 5.33
N SER B 145 13.59 -0.05 6.66
CA SER B 145 13.24 -1.29 7.35
C SER B 145 12.68 -0.97 8.73
N THR B 146 12.24 -1.96 9.48
CA THR B 146 11.61 -1.77 10.78
C THR B 146 12.30 -2.71 11.79
N TRP B 147 12.12 -2.44 13.07
CA TRP B 147 12.83 -3.19 14.11
C TRP B 147 11.86 -3.48 15.25
N GLU B 148 12.04 -4.66 15.84
CA GLU B 148 11.26 -5.12 16.99
C GLU B 148 12.19 -5.14 18.20
N SER B 149 12.06 -4.13 19.05
CA SER B 149 13.03 -3.96 20.12
C SER B 149 13.07 -5.20 21.02
N ALA B 150 11.94 -5.88 21.20
CA ALA B 150 11.93 -7.01 22.10
C ALA B 150 12.90 -8.12 21.72
N VAL B 151 13.26 -8.25 20.45
CA VAL B 151 14.12 -9.36 20.06
C VAL B 151 15.48 -8.86 19.62
N ALA B 152 15.82 -7.65 20.04
CA ALA B 152 17.09 -7.05 19.66
C ALA B 152 18.30 -7.92 20.03
N ASP B 153 18.19 -8.62 21.15
CA ASP B 153 19.28 -9.45 21.67
C ASP B 153 19.06 -10.93 21.39
N LYS B 154 18.07 -11.31 20.58
CA LYS B 154 17.64 -12.70 20.51
C LYS B 154 17.56 -13.31 19.11
N TYR B 155 18.71 -13.66 18.54
CA TYR B 155 18.74 -14.36 17.25
C TYR B 155 17.78 -15.55 17.29
N GLY B 156 17.08 -15.81 16.19
CA GLY B 156 16.17 -16.94 16.10
C GLY B 156 14.77 -16.57 16.52
N GLU B 157 14.56 -15.29 16.82
CA GLU B 157 13.23 -14.85 17.22
C GLU B 157 12.85 -13.58 16.47
N GLY B 158 11.56 -13.33 16.25
CA GLY B 158 11.16 -12.09 15.63
C GLY B 158 10.50 -12.19 14.27
N GLY B 159 9.98 -11.06 13.81
CA GLY B 159 9.43 -10.98 12.47
C GLY B 159 8.19 -11.83 12.30
N THR B 160 7.38 -11.95 13.35
CA THR B 160 6.08 -12.60 13.25
C THR B 160 4.97 -11.59 13.51
N PRO B 161 3.74 -11.90 13.13
CA PRO B 161 2.58 -11.04 13.44
C PRO B 161 2.41 -10.78 14.92
N MET B 162 2.98 -11.65 15.75
CA MET B 162 2.87 -11.53 17.19
C MET B 162 3.92 -10.58 17.76
N ASN B 163 4.86 -10.13 16.91
CA ASN B 163 5.88 -9.19 17.38
C ASN B 163 5.42 -7.76 17.15
N VAL B 164 6.14 -6.83 17.78
CA VAL B 164 5.76 -5.43 17.56
C VAL B 164 6.94 -4.67 16.96
N ALA B 165 6.72 -4.16 15.76
CA ALA B 165 7.79 -3.33 15.18
C ALA B 165 7.69 -1.94 15.80
N ASP B 166 8.67 -1.56 16.61
CA ASP B 166 8.50 -0.29 17.32
C ASP B 166 9.62 0.68 17.01
N TYR B 167 10.57 0.31 16.15
CA TYR B 167 11.57 1.26 15.66
C TYR B 167 11.67 1.15 14.14
N PHE B 168 11.99 2.24 13.47
CA PHE B 168 11.90 2.45 12.03
C PHE B 168 13.13 3.18 11.53
N SER B 169 13.61 2.87 10.32
CA SER B 169 14.90 3.45 9.92
C SER B 169 15.05 3.59 8.42
N VAL B 170 16.06 4.39 8.08
CA VAL B 170 16.60 4.46 6.73
C VAL B 170 18.08 4.11 6.89
N ASN B 171 18.50 3.15 6.07
CA ASN B 171 19.86 2.63 6.14
C ASN B 171 20.25 2.29 7.57
N ALA B 172 19.39 1.59 8.29
CA ALA B 172 19.56 1.06 9.63
C ALA B 172 19.84 2.12 10.70
N LYS B 173 19.46 3.38 10.51
CA LYS B 173 19.48 4.37 11.58
C LYS B 173 18.08 5.00 11.71
N SER B 174 17.70 5.25 12.96
CA SER B 174 16.51 6.00 13.34
C SER B 174 16.93 7.42 13.67
N PHE B 175 16.25 8.41 13.12
CA PHE B 175 16.45 9.81 13.48
C PHE B 175 16.51 9.95 14.99
N PRO B 176 17.38 10.75 15.57
CA PRO B 176 18.35 11.64 14.95
C PRO B 176 19.68 11.01 14.53
N LEU B 177 19.81 9.70 14.61
CA LEU B 177 21.06 9.05 14.23
C LEU B 177 21.23 8.87 12.74
N THR B 178 20.23 9.28 11.94
CA THR B 178 20.44 9.34 10.50
C THR B 178 21.35 10.52 10.16
N GLN B 179 21.57 10.72 8.86
CA GLN B 179 22.40 11.78 8.34
C GLN B 179 21.65 12.64 7.34
N PRO B 180 21.99 13.92 7.29
CA PRO B 180 21.33 14.81 6.31
C PRO B 180 21.76 14.48 4.89
N LEU B 181 20.87 14.79 3.97
CA LEU B 181 21.14 14.74 2.54
C LEU B 181 21.65 16.10 2.11
N ARG B 182 22.96 16.27 1.95
CA ARG B 182 23.46 17.61 1.66
C ARG B 182 23.57 17.85 0.16
N VAL B 183 22.94 18.94 -0.27
CA VAL B 183 22.95 19.27 -1.69
C VAL B 183 23.38 20.72 -1.89
N LYS B 184 23.56 21.08 -3.15
CA LYS B 184 23.74 22.50 -3.49
C LYS B 184 22.79 22.85 -4.63
N LYS B 185 22.42 24.12 -4.66
CA LYS B 185 21.49 24.59 -5.67
C LYS B 185 22.00 24.23 -7.07
N GLY B 186 21.10 23.66 -7.86
CA GLY B 186 21.27 23.13 -9.19
C GLY B 186 21.66 21.66 -9.25
N ASP B 187 21.89 21.02 -8.10
CA ASP B 187 22.12 19.59 -8.05
C ASP B 187 20.96 18.88 -8.73
N VAL B 188 21.22 17.74 -9.32
CA VAL B 188 20.14 16.90 -9.85
C VAL B 188 20.28 15.57 -9.13
N VAL B 189 19.32 15.26 -8.26
CA VAL B 189 19.47 14.19 -7.30
C VAL B 189 18.62 12.98 -7.67
N LYS B 190 19.28 11.85 -7.86
CA LYS B 190 18.55 10.58 -8.03
C LYS B 190 18.42 9.91 -6.69
N ILE B 191 17.18 9.63 -6.27
CA ILE B 191 17.03 8.90 -5.02
C ILE B 191 16.40 7.54 -5.31
N ARG B 192 17.03 6.50 -4.76
CA ARG B 192 16.51 5.14 -4.92
C ARG B 192 15.95 4.63 -3.61
N PHE B 193 14.63 4.41 -3.57
CA PHE B 193 13.97 3.92 -2.38
C PHE B 193 13.84 2.39 -2.41
N PHE B 194 14.11 1.75 -1.29
CA PHE B 194 13.94 0.30 -1.21
C PHE B 194 13.07 -0.10 -0.02
N GLY B 195 12.13 -1.01 -0.29
CA GLY B 195 11.33 -1.65 0.75
C GLY B 195 12.12 -2.86 1.26
N ALA B 196 13.15 -2.62 2.07
CA ALA B 196 14.05 -3.70 2.52
C ALA B 196 13.42 -4.56 3.60
N GLY B 197 12.74 -3.96 4.58
CA GLY B 197 12.15 -4.72 5.68
C GLY B 197 10.69 -5.05 5.42
N GLY B 198 9.94 -5.37 6.47
CA GLY B 198 8.58 -5.85 6.36
C GLY B 198 7.56 -4.75 6.39
N GLY B 199 7.96 -3.47 6.43
CA GLY B 199 6.97 -2.41 6.59
C GLY B 199 6.64 -1.68 5.31
N ILE B 200 5.66 -0.77 5.39
CA ILE B 200 5.35 0.11 4.28
CA ILE B 200 5.37 0.11 4.26
C ILE B 200 5.77 1.53 4.65
N HIS B 201 6.33 2.26 3.69
CA HIS B 201 6.86 3.57 3.98
C HIS B 201 6.39 4.60 2.96
N ALA B 202 5.80 5.68 3.46
CA ALA B 202 5.31 6.73 2.57
C ALA B 202 6.30 7.89 2.55
N MET B 203 7.22 7.84 1.59
CA MET B 203 8.37 8.74 1.55
C MET B 203 7.98 10.09 0.93
N HIS B 204 8.09 11.14 1.74
CA HIS B 204 7.61 12.46 1.39
C HIS B 204 8.75 13.49 1.51
N SER B 205 8.94 14.21 0.42
CA SER B 205 9.95 15.27 0.35
C SER B 205 9.33 16.65 0.54
N HIS B 206 9.67 17.34 1.63
CA HIS B 206 9.25 18.74 1.75
C HIS B 206 9.94 19.59 0.70
N GLY B 207 9.34 20.71 0.36
CA GLY B 207 9.93 21.73 -0.49
C GLY B 207 10.10 21.33 -1.93
N HIS B 208 9.76 20.09 -2.32
CA HIS B 208 10.09 19.63 -3.65
C HIS B 208 9.12 18.50 -4.08
N ASP B 209 8.85 18.42 -5.37
CA ASP B 209 8.21 17.27 -5.94
C ASP B 209 9.29 16.32 -6.47
N MET B 210 8.96 15.04 -6.43
CA MET B 210 9.82 14.01 -6.98
C MET B 210 9.28 13.59 -8.34
N LEU B 211 10.15 13.39 -9.32
CA LEU B 211 9.68 12.78 -10.56
C LEU B 211 9.94 11.28 -10.47
N VAL B 212 8.91 10.44 -10.46
CA VAL B 212 9.10 8.99 -10.36
C VAL B 212 9.46 8.44 -11.73
N THR B 213 10.67 7.91 -11.86
CA THR B 213 11.17 7.53 -13.17
C THR B 213 11.28 6.01 -13.34
N HIS B 214 11.45 5.29 -12.25
CA HIS B 214 11.65 3.84 -12.35
C HIS B 214 10.85 3.08 -11.28
N LYS B 215 10.30 1.94 -11.67
CA LYS B 215 9.68 0.98 -10.77
C LYS B 215 10.49 -0.32 -10.79
N ASP B 216 10.94 -0.80 -9.65
CA ASP B 216 11.80 -1.97 -9.52
C ASP B 216 12.97 -1.91 -10.49
N GLY B 217 13.57 -0.71 -10.64
CA GLY B 217 14.73 -0.55 -11.49
C GLY B 217 14.46 -0.40 -12.97
N LEU B 218 13.23 -0.56 -13.48
CA LEU B 218 12.95 -0.41 -14.91
C LEU B 218 12.30 0.94 -15.19
N PRO B 219 12.71 1.62 -16.24
CA PRO B 219 12.18 2.96 -16.54
C PRO B 219 10.72 2.94 -16.97
N LEU B 220 9.93 3.81 -16.34
CA LEU B 220 8.53 3.96 -16.72
C LEU B 220 8.35 4.65 -18.05
N ASP B 221 7.44 4.11 -18.85
CA ASP B 221 7.13 4.82 -20.08
C ASP B 221 6.46 6.15 -19.74
N SER B 222 5.72 6.20 -18.65
CA SER B 222 5.00 7.40 -18.24
CA SER B 222 4.97 7.36 -18.22
C SER B 222 5.34 7.76 -16.80
N PRO B 223 6.47 8.43 -16.65
CA PRO B 223 6.87 8.84 -15.31
C PRO B 223 5.87 9.87 -14.80
N TYR B 224 5.85 10.03 -13.49
CA TYR B 224 4.88 10.95 -12.91
C TYR B 224 5.45 11.62 -11.67
N TYR B 225 4.94 12.81 -11.38
CA TYR B 225 5.38 13.54 -10.20
C TYR B 225 4.62 13.08 -8.97
N ALA B 226 5.31 13.12 -7.86
CA ALA B 226 4.69 12.82 -6.58
C ALA B 226 5.41 13.60 -5.49
N ASP B 227 4.69 13.94 -4.43
CA ASP B 227 5.37 14.48 -3.25
C ASP B 227 5.45 13.38 -2.19
N THR B 228 4.71 12.28 -2.41
CA THR B 228 4.76 11.18 -1.43
C THR B 228 4.81 9.85 -2.17
N VAL B 229 5.83 9.03 -1.93
CA VAL B 229 5.92 7.79 -2.70
C VAL B 229 5.78 6.59 -1.78
N LEU B 230 4.80 5.72 -2.02
CA LEU B 230 4.55 4.59 -1.13
C LEU B 230 5.50 3.47 -1.54
N VAL B 231 6.29 3.02 -0.59
CA VAL B 231 7.26 1.94 -0.85
C VAL B 231 6.94 0.74 0.02
N SER B 232 6.70 -0.43 -0.57
CA SER B 232 6.31 -1.60 0.23
CA SER B 232 6.31 -1.60 0.23
C SER B 232 7.36 -2.70 0.12
N PRO B 233 7.30 -3.74 0.93
CA PRO B 233 8.39 -4.75 0.91
C PRO B 233 8.67 -5.35 -0.46
N GLY B 234 9.97 -5.31 -0.79
CA GLY B 234 10.44 -5.88 -2.04
C GLY B 234 10.58 -4.84 -3.15
N GLU B 235 9.82 -3.76 -3.08
CA GLU B 235 9.76 -2.76 -4.14
C GLU B 235 10.96 -1.80 -4.15
N ARG B 236 11.29 -1.28 -5.32
CA ARG B 236 12.15 -0.11 -5.39
C ARG B 236 11.44 0.94 -6.27
N TYR B 237 11.68 2.20 -5.93
CA TYR B 237 11.24 3.32 -6.75
C TYR B 237 12.45 4.24 -6.93
N ASP B 238 12.66 4.69 -8.16
CA ASP B 238 13.71 5.70 -8.40
C ASP B 238 13.00 7.02 -8.71
N VAL B 239 13.49 8.10 -8.15
CA VAL B 239 12.92 9.41 -8.39
C VAL B 239 14.09 10.38 -8.71
N ILE B 240 13.73 11.50 -9.28
CA ILE B 240 14.59 12.66 -9.48
C ILE B 240 14.02 13.86 -8.75
N ILE B 241 14.86 14.51 -7.95
CA ILE B 241 14.54 15.81 -7.37
C ILE B 241 15.47 16.88 -7.97
N GLU B 242 14.88 17.95 -8.49
CA GLU B 242 15.69 19.07 -8.93
C GLU B 242 15.95 19.95 -7.71
N ALA B 243 17.21 20.10 -7.32
CA ALA B 243 17.54 20.84 -6.10
C ALA B 243 17.55 22.32 -6.42
N ASP B 244 16.37 22.89 -6.62
CA ASP B 244 16.32 24.28 -7.06
C ASP B 244 15.62 25.20 -6.07
N ASN B 245 15.53 24.79 -4.82
CA ASN B 245 14.81 25.58 -3.82
C ASN B 245 15.54 25.59 -2.50
N PRO B 246 16.60 26.39 -2.38
CA PRO B 246 17.42 26.33 -1.16
C PRO B 246 16.63 26.56 0.13
N GLY B 247 16.94 25.72 1.13
CA GLY B 247 16.37 25.87 2.45
C GLY B 247 16.78 24.61 3.22
N ARG B 248 16.15 24.37 4.36
CA ARG B 248 16.28 23.10 5.06
C ARG B 248 14.92 22.40 5.01
N PHE B 249 14.87 21.30 4.26
CA PHE B 249 13.61 20.63 3.96
C PHE B 249 13.64 19.16 4.37
N ILE B 250 12.87 18.89 5.41
CA ILE B 250 12.79 17.54 5.96
C ILE B 250 12.20 16.60 4.91
N PHE B 251 12.56 15.34 5.03
CA PHE B 251 12.36 14.29 4.04
C PHE B 251 12.11 13.03 4.84
N HIS B 252 10.89 12.50 4.77
CA HIS B 252 10.60 11.46 5.75
C HIS B 252 9.42 10.54 5.40
N ASP B 253 9.36 9.46 6.15
CA ASP B 253 8.23 8.54 6.10
C ASP B 253 7.00 9.22 6.69
N HIS B 254 5.91 9.30 5.93
CA HIS B 254 4.72 10.00 6.41
C HIS B 254 3.75 9.08 7.13
N VAL B 255 4.11 7.80 7.24
CA VAL B 255 3.26 6.91 8.04
C VAL B 255 3.43 7.35 9.49
N ASP B 256 2.32 7.77 10.09
CA ASP B 256 2.30 8.44 11.39
C ASP B 256 3.01 7.67 12.48
N THR B 257 2.74 6.39 12.66
CA THR B 257 3.45 5.67 13.73
C THR B 257 4.94 5.49 13.47
N HIS B 258 5.42 5.63 12.25
CA HIS B 258 6.81 5.34 11.91
C HIS B 258 7.76 6.45 12.30
N VAL B 259 7.24 7.63 12.65
CA VAL B 259 8.17 8.69 13.07
C VAL B 259 8.21 8.71 14.60
N THR B 260 8.33 7.51 15.12
CA THR B 260 8.54 7.26 16.55
C THR B 260 9.71 6.28 16.72
N ALA B 261 10.17 6.17 17.95
CA ALA B 261 11.25 5.28 18.35
C ALA B 261 10.93 4.74 19.74
N GLY B 262 10.52 3.49 19.81
CA GLY B 262 10.11 2.95 21.10
C GLY B 262 8.99 3.74 21.74
N GLY B 263 8.05 4.26 20.96
CA GLY B 263 6.92 5.00 21.50
C GLY B 263 7.20 6.49 21.69
N LYS B 264 8.43 6.93 21.52
CA LYS B 264 8.82 8.34 21.69
C LYS B 264 8.90 9.03 20.34
N HIS B 265 8.62 10.34 20.28
CA HIS B 265 8.68 11.10 19.03
C HIS B 265 9.68 12.23 19.23
N PRO B 266 10.46 12.63 18.24
CA PRO B 266 10.49 12.03 16.91
C PRO B 266 11.59 10.96 16.80
N GLY B 267 11.48 10.19 15.73
CA GLY B 267 12.44 9.16 15.41
C GLY B 267 12.08 8.60 14.04
N GLY B 268 12.74 7.52 13.66
CA GLY B 268 12.32 6.80 12.46
C GLY B 268 13.02 7.34 11.22
N PRO B 269 12.41 7.07 10.07
CA PRO B 269 13.05 7.38 8.77
C PRO B 269 12.84 8.85 8.39
N ILE B 270 13.76 9.64 8.93
CA ILE B 270 13.75 11.08 8.75
C ILE B 270 15.14 11.56 8.39
N THR B 271 15.22 12.35 7.33
CA THR B 271 16.45 13.07 7.05
C THR B 271 16.05 14.49 6.69
N VAL B 272 17.02 15.28 6.28
CA VAL B 272 16.81 16.67 5.94
C VAL B 272 17.62 16.99 4.70
N ILE B 273 16.95 17.50 3.67
CA ILE B 273 17.65 18.04 2.51
C ILE B 273 18.24 19.38 2.95
N GLU B 274 19.53 19.43 3.18
CA GLU B 274 20.21 20.66 3.60
C GLU B 274 20.90 21.31 2.41
N TYR B 275 20.54 22.52 2.01
CA TYR B 275 21.26 23.17 0.92
C TYR B 275 22.50 23.92 1.41
N ASP B 276 23.60 23.83 0.66
CA ASP B 276 24.77 24.62 1.01
C ASP B 276 24.42 26.11 1.09
N GLY B 277 25.01 26.83 2.05
CA GLY B 277 24.85 28.27 2.07
C GLY B 277 23.60 28.78 2.76
N VAL B 278 22.74 27.89 3.23
CA VAL B 278 21.60 28.33 4.04
C VAL B 278 22.08 28.54 5.47
N PRO B 279 21.93 29.76 5.99
CA PRO B 279 22.40 30.06 7.35
C PRO B 279 21.74 29.19 8.42
N VAL B 280 22.56 28.85 9.42
CA VAL B 280 22.13 27.86 10.41
C VAL B 280 21.68 28.51 11.71
N ASP B 281 20.41 28.37 12.04
CA ASP B 281 19.86 28.82 13.32
C ASP B 281 20.40 28.00 14.48
N ASP B 282 20.58 28.67 15.63
CA ASP B 282 21.00 27.99 16.85
C ASP B 282 20.02 26.90 17.26
N TRP B 283 18.76 26.94 16.86
CA TRP B 283 17.85 25.88 17.32
C TRP B 283 17.79 24.73 16.32
N TYR B 284 18.50 24.79 15.21
CA TYR B 284 18.42 23.70 14.25
C TYR B 284 18.88 22.37 14.85
N VAL B 285 18.02 21.37 14.79
CA VAL B 285 18.29 20.09 15.43
C VAL B 285 19.62 19.51 14.97
N TRP B 286 20.07 19.75 13.74
CA TRP B 286 21.31 19.09 13.31
C TRP B 286 22.44 20.09 13.12
N LYS B 287 22.42 21.19 13.88
CA LYS B 287 23.46 22.19 13.62
C LYS B 287 24.85 21.67 13.93
N ASP B 288 24.98 20.76 14.90
CA ASP B 288 26.36 20.30 15.10
C ASP B 288 26.56 18.89 14.56
N LYS B 289 25.98 18.52 13.42
CA LYS B 289 26.06 17.12 13.03
C LYS B 289 27.46 16.65 12.66
N ASP B 290 27.86 15.53 13.25
CA ASP B 290 29.06 14.84 12.78
C ASP B 290 28.68 14.11 11.48
N TYR B 291 28.92 14.76 10.37
CA TYR B 291 28.43 14.43 9.06
C TYR B 291 29.16 13.27 8.39
N ASP B 292 28.38 12.33 7.86
CA ASP B 292 28.89 11.25 7.02
C ASP B 292 28.41 11.42 5.59
N PRO B 293 29.30 11.88 4.71
CA PRO B 293 28.87 12.11 3.33
C PRO B 293 28.50 10.81 2.63
N ASN B 294 28.82 9.64 3.16
CA ASN B 294 28.50 8.41 2.42
C ASN B 294 27.37 7.62 3.06
N PHE B 295 26.57 8.28 3.89
CA PHE B 295 25.47 7.60 4.56
C PHE B 295 24.43 7.05 3.58
N PHE B 296 24.34 7.65 2.39
CA PHE B 296 23.42 7.17 1.36
C PHE B 296 24.16 6.51 0.19
N TYR B 297 25.38 6.06 0.45
CA TYR B 297 26.35 5.50 -0.49
C TYR B 297 26.67 6.44 -1.63
N SER B 298 26.46 7.76 -1.48
CA SER B 298 26.61 8.66 -2.63
C SER B 298 28.06 8.78 -3.12
N GLU B 299 29.02 8.65 -2.21
CA GLU B 299 30.42 8.68 -2.60
C GLU B 299 30.81 7.33 -3.25
N SER B 300 30.46 6.25 -2.56
CA SER B 300 30.77 4.91 -3.10
C SER B 300 30.31 4.75 -4.53
N LEU B 301 29.11 5.26 -4.82
CA LEU B 301 28.49 5.17 -6.13
C LEU B 301 29.31 5.89 -7.19
N LYS B 302 30.24 6.74 -6.77
CA LYS B 302 31.10 7.46 -7.69
C LYS B 302 32.44 6.79 -8.00
N GLN B 303 32.71 5.67 -7.35
CA GLN B 303 34.04 5.08 -7.36
C GLN B 303 34.20 3.79 -8.15
N GLY B 304 33.42 3.56 -9.20
CA GLY B 304 33.79 2.44 -10.05
C GLY B 304 32.98 1.19 -9.78
N TYR B 305 33.29 0.14 -10.53
CA TYR B 305 32.45 -1.05 -10.49
C TYR B 305 33.03 -2.15 -9.63
N GLY B 306 32.22 -2.56 -8.64
CA GLY B 306 32.68 -3.57 -7.70
C GLY B 306 31.85 -3.56 -6.44
N MET B 307 32.43 -4.05 -5.36
CA MET B 307 31.78 -4.13 -4.07
C MET B 307 32.40 -3.11 -3.13
N PHE B 308 31.58 -2.41 -2.35
CA PHE B 308 32.03 -1.34 -1.48
C PHE B 308 31.55 -1.54 -0.06
N ASP B 309 32.51 -1.63 0.85
CA ASP B 309 32.15 -1.61 2.27
C ASP B 309 32.01 -0.13 2.68
N HIS B 310 31.43 0.12 3.84
CA HIS B 310 31.37 1.47 4.38
C HIS B 310 31.52 1.39 5.88
N ASP B 311 32.57 2.01 6.43
CA ASP B 311 32.81 1.83 7.86
C ASP B 311 31.67 2.38 8.69
N GLY B 312 30.94 3.39 8.23
CA GLY B 312 29.84 3.85 9.06
C GLY B 312 28.73 2.84 9.23
N PHE B 313 28.71 1.80 8.39
CA PHE B 313 27.62 0.83 8.59
C PHE B 313 28.09 -0.42 9.32
N LYS B 314 29.36 -0.47 9.74
CA LYS B 314 29.91 -1.67 10.37
C LYS B 314 29.39 -1.87 11.79
N GLY B 315 29.14 -3.11 12.18
CA GLY B 315 28.70 -3.40 13.54
C GLY B 315 29.87 -3.89 14.39
N GLU B 316 29.64 -4.06 15.69
CA GLU B 316 30.69 -4.53 16.57
C GLU B 316 30.56 -6.04 16.75
N PHE B 317 31.71 -6.72 16.78
CA PHE B 317 31.68 -8.14 17.09
C PHE B 317 31.38 -8.38 18.57
N ALA C 2 -25.25 -13.43 -24.63
CA ALA C 2 -26.15 -14.54 -24.31
C ALA C 2 -26.66 -14.50 -22.88
N GLU C 3 -27.76 -15.22 -22.59
CA GLU C 3 -28.21 -15.29 -21.21
C GLU C 3 -27.61 -16.53 -20.53
N ARG C 4 -26.96 -16.33 -19.39
CA ARG C 4 -26.31 -17.44 -18.69
C ARG C 4 -26.82 -17.52 -17.26
N GLU C 5 -27.43 -18.65 -16.92
CA GLU C 5 -28.06 -18.78 -15.61
C GLU C 5 -27.38 -19.83 -14.75
N PHE C 6 -26.96 -19.43 -13.55
CA PHE C 6 -26.23 -20.34 -12.67
C PHE C 6 -26.93 -20.47 -11.33
N ASP C 7 -26.77 -21.64 -10.69
CA ASP C 7 -27.31 -21.82 -9.36
C ASP C 7 -26.12 -21.97 -8.39
N MET C 8 -26.16 -21.17 -7.34
CA MET C 8 -25.14 -21.20 -6.30
CA MET C 8 -25.14 -21.20 -6.30
C MET C 8 -25.74 -21.49 -4.94
N THR C 9 -25.01 -22.20 -4.10
CA THR C 9 -25.44 -22.34 -2.70
C THR C 9 -24.40 -21.68 -1.80
N ILE C 10 -24.78 -21.47 -0.55
CA ILE C 10 -23.81 -21.09 0.49
C ILE C 10 -23.80 -22.20 1.53
N GLU C 11 -22.64 -22.75 1.85
CA GLU C 11 -22.62 -23.91 2.74
C GLU C 11 -21.66 -23.68 3.91
N GLU C 12 -21.99 -24.26 5.05
CA GLU C 12 -21.08 -24.25 6.20
C GLU C 12 -20.17 -25.46 6.01
N VAL C 13 -18.89 -25.17 5.78
CA VAL C 13 -17.92 -26.23 5.58
C VAL C 13 -16.63 -25.85 6.30
N THR C 14 -15.78 -26.85 6.44
CA THR C 14 -14.47 -26.71 7.07
C THR C 14 -13.38 -26.97 6.05
N ILE C 15 -12.40 -26.08 5.98
CA ILE C 15 -11.35 -26.28 4.99
C ILE C 15 -9.99 -26.39 5.67
N LYS C 16 -9.05 -27.03 5.00
CA LYS C 16 -7.70 -27.05 5.57
C LYS C 16 -6.90 -25.91 4.95
N VAL C 17 -6.56 -24.92 5.77
CA VAL C 17 -5.80 -23.80 5.22
C VAL C 17 -4.30 -24.07 5.30
N ALA C 18 -3.89 -24.53 6.48
CA ALA C 18 -2.48 -24.80 6.71
C ALA C 18 -2.34 -26.10 7.49
N PRO C 19 -1.13 -26.64 7.42
CA PRO C 19 -0.83 -27.76 8.34
C PRO C 19 -1.10 -27.19 9.73
N GLY C 20 -2.04 -27.77 10.48
CA GLY C 20 -2.24 -27.15 11.78
C GLY C 20 -3.36 -26.13 11.79
N LEU C 21 -4.03 -25.94 10.65
CA LEU C 21 -5.11 -24.95 10.71
C LEU C 21 -6.24 -25.37 9.79
N ASP C 22 -7.27 -25.94 10.41
CA ASP C 22 -8.54 -26.12 9.76
C ASP C 22 -9.44 -24.93 10.09
N TYR C 23 -10.25 -24.48 9.15
CA TYR C 23 -11.04 -23.26 9.34
C TYR C 23 -12.49 -23.45 8.92
N LYS C 24 -13.39 -23.00 9.80
CA LYS C 24 -14.80 -22.92 9.47
C LYS C 24 -15.06 -21.71 8.57
N VAL C 25 -15.64 -22.01 7.41
CA VAL C 25 -15.92 -20.99 6.41
C VAL C 25 -17.36 -21.11 5.93
N PHE C 26 -17.78 -20.07 5.23
CA PHE C 26 -19.03 -20.11 4.47
C PHE C 26 -18.73 -20.17 2.97
N GLY C 27 -18.55 -21.39 2.47
CA GLY C 27 -18.16 -21.58 1.09
C GLY C 27 -19.30 -21.48 0.10
N PHE C 28 -19.09 -20.64 -0.90
CA PHE C 28 -19.94 -20.66 -2.09
C PHE C 28 -19.81 -22.03 -2.75
N ASN C 29 -20.90 -22.72 -2.97
CA ASN C 29 -20.92 -24.11 -3.44
C ASN C 29 -20.01 -24.98 -2.57
N GLY C 30 -19.87 -24.68 -1.29
CA GLY C 30 -19.08 -25.48 -0.37
C GLY C 30 -17.60 -25.49 -0.67
N GLN C 31 -17.06 -24.47 -1.35
CA GLN C 31 -15.63 -24.42 -1.61
C GLN C 31 -15.07 -23.00 -1.43
N VAL C 32 -13.79 -22.90 -1.13
CA VAL C 32 -13.05 -21.65 -1.03
C VAL C 32 -11.75 -21.79 -1.84
N PRO C 33 -11.41 -21.06 -2.88
CA PRO C 33 -12.19 -19.98 -3.50
C PRO C 33 -13.54 -20.46 -4.03
N GLY C 34 -14.51 -19.55 -4.09
CA GLY C 34 -15.82 -19.93 -4.63
C GLY C 34 -15.64 -20.30 -6.09
N PRO C 35 -16.69 -20.83 -6.71
CA PRO C 35 -16.58 -21.30 -8.09
CA PRO C 35 -16.60 -21.30 -8.09
C PRO C 35 -16.16 -20.19 -9.04
N LEU C 36 -15.42 -20.57 -10.07
CA LEU C 36 -15.05 -19.63 -11.13
C LEU C 36 -16.29 -19.30 -11.95
N ILE C 37 -16.63 -18.02 -12.03
CA ILE C 37 -17.69 -17.66 -12.99
C ILE C 37 -17.04 -17.00 -14.19
N HIS C 38 -17.21 -17.54 -15.40
CA HIS C 38 -16.55 -17.01 -16.58
C HIS C 38 -17.57 -16.69 -17.67
N VAL C 39 -17.66 -15.43 -18.08
CA VAL C 39 -18.67 -15.04 -19.06
C VAL C 39 -18.09 -14.09 -20.09
N GLN C 40 -18.90 -13.67 -21.08
CA GLN C 40 -18.44 -12.78 -22.14
C GLN C 40 -19.08 -11.40 -21.94
N GLU C 41 -18.30 -10.38 -22.26
CA GLU C 41 -18.77 -9.00 -22.32
C GLU C 41 -20.14 -8.96 -23.01
N GLY C 42 -21.12 -8.37 -22.33
CA GLY C 42 -22.45 -8.21 -22.89
C GLY C 42 -23.40 -9.32 -22.50
N ASP C 43 -22.95 -10.37 -21.85
CA ASP C 43 -23.89 -11.41 -21.47
C ASP C 43 -24.85 -10.97 -20.36
N ASP C 44 -26.05 -11.54 -20.37
CA ASP C 44 -27.01 -11.34 -19.30
C ASP C 44 -26.84 -12.48 -18.31
N VAL C 45 -26.44 -12.11 -17.10
CA VAL C 45 -26.15 -13.13 -16.09
C VAL C 45 -27.28 -13.19 -15.07
N ILE C 46 -27.66 -14.41 -14.73
CA ILE C 46 -28.64 -14.77 -13.73
C ILE C 46 -28.03 -15.78 -12.74
N VAL C 47 -28.03 -15.41 -11.47
CA VAL C 47 -27.51 -16.28 -10.43
C VAL C 47 -28.52 -16.47 -9.31
N ASN C 48 -29.01 -17.69 -9.20
CA ASN C 48 -29.89 -18.04 -8.10
C ASN C 48 -29.08 -18.58 -6.94
N VAL C 49 -29.23 -17.93 -5.80
CA VAL C 49 -28.52 -18.24 -4.57
C VAL C 49 -29.42 -18.80 -3.49
N THR C 50 -29.02 -19.96 -2.96
CA THR C 50 -29.69 -20.52 -1.80
C THR C 50 -28.75 -20.54 -0.61
N ASN C 51 -29.23 -19.93 0.47
CA ASN C 51 -28.45 -19.80 1.68
C ASN C 51 -28.63 -21.02 2.57
N ASN C 52 -27.75 -22.00 2.47
CA ASN C 52 -27.78 -23.22 3.29
C ASN C 52 -26.95 -23.06 4.54
N THR C 53 -26.85 -21.82 5.02
CA THR C 53 -26.15 -21.67 6.29
C THR C 53 -27.10 -21.09 7.35
N SER C 54 -26.59 -20.95 8.56
CA SER C 54 -27.27 -20.46 9.73
C SER C 54 -27.29 -18.94 9.84
N LEU C 55 -26.67 -18.22 8.91
CA LEU C 55 -26.57 -16.77 9.06
C LEU C 55 -26.91 -16.10 7.74
N PRO C 56 -27.35 -14.84 7.81
CA PRO C 56 -27.70 -14.12 6.58
C PRO C 56 -26.48 -13.74 5.75
N HIS C 57 -26.61 -13.72 4.44
CA HIS C 57 -25.58 -13.29 3.50
C HIS C 57 -26.16 -12.50 2.34
N THR C 58 -25.28 -11.93 1.53
CA THR C 58 -25.61 -11.46 0.19
C THR C 58 -24.48 -11.87 -0.76
N ILE C 59 -24.64 -11.60 -2.04
CA ILE C 59 -23.51 -11.63 -2.94
C ILE C 59 -23.43 -10.29 -3.67
N HIS C 60 -22.28 -9.64 -3.51
CA HIS C 60 -21.99 -8.42 -4.25
C HIS C 60 -21.03 -8.76 -5.39
N TRP C 61 -21.23 -8.17 -6.54
CA TRP C 61 -20.46 -8.45 -7.75
C TRP C 61 -19.49 -7.31 -7.92
N HIS C 62 -18.28 -7.47 -7.39
CA HIS C 62 -17.34 -6.34 -7.38
C HIS C 62 -16.77 -6.04 -8.76
N GLY C 63 -17.05 -4.84 -9.22
CA GLY C 63 -16.59 -4.33 -10.50
C GLY C 63 -17.73 -4.32 -11.53
N VAL C 64 -18.80 -5.04 -11.18
CA VAL C 64 -19.98 -5.08 -12.05
C VAL C 64 -20.77 -3.79 -11.89
N HIS C 65 -20.97 -3.00 -12.92
CA HIS C 65 -21.63 -1.70 -12.78
C HIS C 65 -23.05 -1.80 -12.26
N GLN C 66 -23.74 -2.89 -12.60
CA GLN C 66 -25.16 -3.00 -12.28
C GLN C 66 -25.93 -1.89 -12.99
N LYS C 67 -25.58 -1.70 -14.25
CA LYS C 67 -26.22 -0.70 -15.10
C LYS C 67 -27.71 -1.00 -15.22
N GLY C 68 -28.54 -0.14 -14.66
CA GLY C 68 -29.97 -0.39 -14.65
C GLY C 68 -30.36 -1.57 -13.79
N THR C 69 -29.46 -2.11 -12.96
CA THR C 69 -29.86 -3.22 -12.09
C THR C 69 -29.29 -3.03 -10.70
N TRP C 70 -29.25 -1.80 -10.18
CA TRP C 70 -28.65 -1.59 -8.85
C TRP C 70 -29.25 -2.45 -7.75
N ARG C 71 -30.49 -2.94 -7.89
CA ARG C 71 -31.06 -3.79 -6.87
C ARG C 71 -30.43 -5.18 -6.82
N SER C 72 -29.48 -5.47 -7.69
CA SER C 72 -28.70 -6.69 -7.65
C SER C 72 -27.26 -6.44 -7.17
N ASP C 73 -26.98 -5.25 -6.65
CA ASP C 73 -25.64 -4.91 -6.20
C ASP C 73 -25.18 -5.70 -4.98
N GLY C 74 -26.13 -6.28 -4.26
CA GLY C 74 -25.85 -7.15 -3.14
C GLY C 74 -25.46 -6.51 -1.82
N VAL C 75 -25.92 -5.30 -1.51
CA VAL C 75 -25.54 -4.59 -0.29
C VAL C 75 -26.75 -4.48 0.65
N PRO C 76 -26.65 -5.13 1.80
CA PRO C 76 -27.79 -5.20 2.73
C PRO C 76 -28.10 -3.82 3.27
N GLY C 77 -29.38 -3.45 3.33
CA GLY C 77 -29.73 -2.16 3.91
C GLY C 77 -29.55 -1.04 2.91
N VAL C 78 -29.05 -1.37 1.72
CA VAL C 78 -28.81 -0.35 0.69
C VAL C 78 -29.46 -0.79 -0.62
N THR C 79 -29.20 -2.01 -1.10
CA THR C 79 -29.85 -2.39 -2.35
C THR C 79 -30.79 -3.57 -2.18
N GLN C 80 -30.73 -4.22 -1.04
CA GLN C 80 -31.61 -5.34 -0.74
C GLN C 80 -31.63 -5.61 0.75
N GLN C 81 -32.62 -6.37 1.23
CA GLN C 81 -32.54 -6.94 2.55
C GLN C 81 -31.71 -8.22 2.43
N PRO C 82 -30.99 -8.62 3.46
CA PRO C 82 -30.11 -9.78 3.33
C PRO C 82 -30.86 -11.07 2.93
N ILE C 83 -30.14 -12.05 2.39
CA ILE C 83 -30.71 -13.37 2.18
C ILE C 83 -30.69 -14.18 3.45
N GLU C 84 -31.84 -14.40 4.09
CA GLU C 84 -31.74 -15.07 5.38
C GLU C 84 -31.49 -16.57 5.23
N ALA C 85 -31.10 -17.18 6.34
CA ALA C 85 -30.88 -18.60 6.51
C ALA C 85 -31.99 -19.45 5.94
N GLY C 86 -31.66 -20.29 4.96
CA GLY C 86 -32.62 -21.16 4.32
C GLY C 86 -33.24 -20.59 3.07
N ASP C 87 -33.17 -19.27 2.94
CA ASP C 87 -33.83 -18.58 1.84
C ASP C 87 -32.99 -18.57 0.57
N SER C 88 -33.61 -18.11 -0.51
CA SER C 88 -32.95 -17.97 -1.79
C SER C 88 -33.24 -16.60 -2.40
N TYR C 89 -32.42 -16.20 -3.37
CA TYR C 89 -32.47 -14.88 -3.96
C TYR C 89 -31.79 -14.88 -5.32
N THR C 90 -32.35 -14.13 -6.27
CA THR C 90 -31.78 -14.13 -7.62
C THR C 90 -31.18 -12.79 -7.97
N TYR C 91 -29.95 -12.87 -8.47
CA TYR C 91 -29.22 -11.73 -9.02
C TYR C 91 -29.36 -11.78 -10.53
N LYS C 92 -29.58 -10.63 -11.14
CA LYS C 92 -29.55 -10.47 -12.59
C LYS C 92 -28.76 -9.22 -12.95
N PHE C 93 -27.77 -9.38 -13.83
CA PHE C 93 -27.05 -8.22 -14.32
C PHE C 93 -26.48 -8.47 -15.72
N LYS C 94 -26.19 -7.40 -16.42
CA LYS C 94 -25.55 -7.50 -17.74
C LYS C 94 -24.05 -7.31 -17.61
N ALA C 95 -23.26 -8.24 -18.12
CA ALA C 95 -21.81 -8.16 -17.89
C ALA C 95 -21.19 -7.17 -18.86
N ASP C 96 -21.47 -5.88 -18.65
CA ASP C 96 -20.95 -4.93 -19.62
C ASP C 96 -19.56 -4.41 -19.20
N ARG C 97 -19.15 -4.67 -17.98
CA ARG C 97 -17.80 -4.26 -17.54
C ARG C 97 -16.85 -5.42 -17.78
N ILE C 98 -15.80 -5.22 -18.54
CA ILE C 98 -14.88 -6.32 -18.88
C ILE C 98 -13.80 -6.57 -17.84
N GLY C 99 -13.15 -7.74 -17.91
CA GLY C 99 -11.93 -8.01 -17.17
C GLY C 99 -12.08 -8.85 -15.95
N THR C 100 -11.01 -8.83 -15.15
CA THR C 100 -10.93 -9.55 -13.90
C THR C 100 -11.81 -8.94 -12.83
N LEU C 101 -12.99 -9.51 -12.56
CA LEU C 101 -13.84 -9.02 -11.49
C LEU C 101 -13.91 -10.06 -10.38
N TRP C 102 -14.68 -9.83 -9.33
CA TRP C 102 -14.80 -10.88 -8.34
C TRP C 102 -16.15 -10.67 -7.60
N TYR C 103 -16.49 -11.64 -6.78
CA TYR C 103 -17.77 -11.58 -6.08
C TYR C 103 -17.53 -11.92 -4.63
N HIS C 104 -18.30 -11.31 -3.73
CA HIS C 104 -18.12 -11.64 -2.33
C HIS C 104 -19.32 -11.24 -1.48
N CYS C 105 -19.41 -11.84 -0.29
CA CYS C 105 -20.51 -11.49 0.62
C CYS C 105 -20.40 -10.03 1.02
N HIS C 106 -21.53 -9.37 1.29
CA HIS C 106 -21.43 -7.96 1.71
C HIS C 106 -22.20 -7.77 3.01
N VAL C 107 -22.52 -8.88 3.66
CA VAL C 107 -22.99 -8.91 5.05
C VAL C 107 -21.79 -9.17 5.98
N ASN C 108 -21.63 -8.33 6.99
CA ASN C 108 -20.58 -8.51 7.99
C ASN C 108 -19.22 -8.75 7.34
N VAL C 109 -18.87 -7.88 6.40
CA VAL C 109 -17.75 -8.16 5.50
C VAL C 109 -16.44 -8.41 6.24
N ASN C 110 -16.19 -7.71 7.35
CA ASN C 110 -14.93 -7.90 8.05
C ASN C 110 -14.70 -9.38 8.41
N GLU C 111 -15.78 -10.05 8.79
CA GLU C 111 -15.65 -11.48 9.11
C GLU C 111 -15.92 -12.37 7.91
N HIS C 112 -17.04 -12.18 7.22
CA HIS C 112 -17.42 -13.07 6.12
C HIS C 112 -16.40 -13.06 5.01
N VAL C 113 -15.93 -11.89 4.58
CA VAL C 113 -14.91 -11.87 3.51
C VAL C 113 -13.51 -11.97 4.13
N GLY C 114 -13.30 -11.39 5.29
CA GLY C 114 -11.96 -11.38 5.87
C GLY C 114 -11.50 -12.78 6.26
N VAL C 115 -12.35 -13.55 6.94
CA VAL C 115 -11.83 -14.87 7.33
C VAL C 115 -12.82 -16.00 7.03
N ARG C 116 -13.98 -15.80 6.40
CA ARG C 116 -14.85 -16.95 6.17
C ARG C 116 -14.94 -17.36 4.71
N GLY C 117 -14.02 -16.90 3.86
CA GLY C 117 -13.86 -17.37 2.51
C GLY C 117 -14.96 -17.06 1.54
N MET C 118 -15.79 -16.06 1.86
CA MET C 118 -16.94 -15.72 1.03
C MET C 118 -16.56 -14.89 -0.18
N TRP C 119 -15.86 -15.52 -1.12
CA TRP C 119 -15.44 -14.80 -2.32
C TRP C 119 -15.03 -15.76 -3.44
N GLY C 120 -15.08 -15.29 -4.67
CA GLY C 120 -14.61 -16.05 -5.82
C GLY C 120 -14.40 -15.16 -7.01
N PRO C 121 -13.82 -15.69 -8.08
CA PRO C 121 -13.50 -14.87 -9.25
C PRO C 121 -14.63 -14.86 -10.28
N LEU C 122 -14.79 -13.70 -10.89
CA LEU C 122 -15.71 -13.44 -11.98
C LEU C 122 -14.92 -12.81 -13.13
N ILE C 123 -14.70 -13.62 -14.15
CA ILE C 123 -13.95 -13.22 -15.33
C ILE C 123 -14.90 -12.91 -16.49
N VAL C 124 -14.80 -11.70 -17.01
CA VAL C 124 -15.56 -11.23 -18.14
C VAL C 124 -14.63 -11.06 -19.33
N ASP C 125 -14.78 -11.87 -20.37
CA ASP C 125 -13.94 -11.74 -21.55
C ASP C 125 -14.38 -10.55 -22.41
N PRO C 126 -13.44 -9.67 -22.74
CA PRO C 126 -13.77 -8.58 -23.66
C PRO C 126 -14.14 -9.19 -25.00
N LYS C 127 -15.19 -8.66 -25.63
CA LYS C 127 -15.45 -9.09 -27.00
C LYS C 127 -14.20 -8.85 -27.85
N GLN C 128 -13.44 -7.80 -27.56
CA GLN C 128 -12.20 -7.41 -28.19
C GLN C 128 -11.03 -7.31 -27.21
N PRO C 129 -10.19 -8.34 -27.14
CA PRO C 129 -9.10 -8.36 -26.16
C PRO C 129 -7.84 -7.64 -26.65
N LEU C 130 -7.03 -7.22 -25.69
CA LEU C 130 -5.72 -6.70 -26.04
C LEU C 130 -4.97 -7.64 -26.97
N PRO C 131 -4.15 -7.11 -27.86
CA PRO C 131 -3.18 -7.94 -28.58
C PRO C 131 -2.37 -8.85 -27.66
N ILE C 132 -1.88 -8.31 -26.55
CA ILE C 132 -1.11 -9.02 -25.55
C ILE C 132 -1.83 -10.26 -25.04
N GLU C 133 -3.14 -10.08 -24.85
CA GLU C 133 -3.90 -11.22 -24.36
C GLU C 133 -3.97 -12.30 -25.42
N LYS C 134 -3.74 -11.94 -26.68
CA LYS C 134 -3.83 -12.89 -27.77
C LYS C 134 -2.78 -14.00 -27.68
N ARG C 135 -1.60 -13.67 -27.18
CA ARG C 135 -0.46 -14.58 -27.08
C ARG C 135 -0.52 -15.47 -25.85
N VAL C 136 -1.46 -15.22 -24.95
CA VAL C 136 -1.49 -15.96 -23.69
C VAL C 136 -1.76 -17.44 -23.85
N THR C 137 -0.94 -18.28 -23.24
CA THR C 137 -1.15 -19.71 -23.30
C THR C 137 -1.58 -20.30 -21.98
N LYS C 138 -1.53 -19.51 -20.91
CA LYS C 138 -1.95 -20.07 -19.63
C LYS C 138 -2.57 -18.95 -18.80
N ASP C 139 -3.71 -19.15 -18.17
CA ASP C 139 -4.38 -18.08 -17.43
C ASP C 139 -4.40 -18.51 -15.97
N VAL C 140 -4.08 -17.63 -15.04
CA VAL C 140 -3.81 -18.03 -13.68
C VAL C 140 -4.48 -17.07 -12.69
N ILE C 141 -5.24 -17.62 -11.76
CA ILE C 141 -5.89 -16.82 -10.72
C ILE C 141 -5.27 -17.03 -9.35
N MET C 142 -4.84 -15.94 -8.71
CA MET C 142 -4.27 -15.93 -7.37
C MET C 142 -5.04 -14.96 -6.46
N MET C 143 -5.87 -15.50 -5.57
CA MET C 143 -6.67 -14.74 -4.61
C MET C 143 -6.04 -14.87 -3.23
N MET C 144 -5.51 -13.74 -2.75
CA MET C 144 -4.80 -13.71 -1.48
C MET C 144 -5.74 -13.32 -0.34
N SER C 145 -5.52 -13.92 0.82
CA SER C 145 -6.34 -13.56 2.00
C SER C 145 -5.58 -13.93 3.26
N THR C 146 -6.11 -13.57 4.42
CA THR C 146 -5.44 -13.80 5.70
C THR C 146 -6.42 -14.52 6.63
N TRP C 147 -5.89 -15.17 7.65
CA TRP C 147 -6.70 -15.98 8.56
C TRP C 147 -6.36 -15.70 10.02
N GLU C 148 -7.37 -15.82 10.87
CA GLU C 148 -7.12 -15.55 12.30
C GLU C 148 -7.29 -16.82 13.09
N SER C 149 -6.22 -17.45 13.58
CA SER C 149 -6.42 -18.79 14.13
C SER C 149 -7.33 -18.79 15.35
N ALA C 150 -7.33 -17.71 16.10
CA ALA C 150 -8.15 -17.70 17.32
C ALA C 150 -9.63 -17.91 17.05
N VAL C 151 -10.13 -17.62 15.85
CA VAL C 151 -11.57 -17.74 15.62
C VAL C 151 -11.86 -18.75 14.53
N ALA C 152 -10.93 -19.65 14.26
CA ALA C 152 -11.12 -20.64 13.20
C ALA C 152 -12.36 -21.53 13.32
N ASP C 153 -12.85 -21.81 14.53
CA ASP C 153 -13.94 -22.78 14.62
C ASP C 153 -15.29 -22.18 14.96
N LYS C 154 -15.35 -20.88 15.22
CA LYS C 154 -16.57 -20.23 15.70
C LYS C 154 -17.06 -19.10 14.80
N TYR C 155 -18.10 -19.35 13.99
CA TYR C 155 -18.66 -18.25 13.21
C TYR C 155 -19.09 -17.12 14.14
N GLY C 156 -19.02 -15.86 13.69
CA GLY C 156 -19.53 -14.76 14.48
C GLY C 156 -18.48 -13.92 15.17
N GLU C 157 -17.22 -14.29 15.05
CA GLU C 157 -16.12 -13.50 15.54
C GLU C 157 -15.07 -13.36 14.43
N GLY C 158 -14.23 -12.35 14.53
CA GLY C 158 -13.08 -12.22 13.66
C GLY C 158 -13.08 -10.94 12.87
N GLY C 159 -11.93 -10.66 12.24
CA GLY C 159 -11.85 -9.58 11.29
C GLY C 159 -11.93 -8.20 11.92
N THR C 160 -11.43 -8.04 13.13
CA THR C 160 -11.39 -6.72 13.74
C THR C 160 -9.93 -6.34 13.97
N PRO C 161 -9.62 -5.09 14.25
CA PRO C 161 -8.24 -4.71 14.60
C PRO C 161 -7.74 -5.38 15.87
N MET C 162 -8.61 -6.02 16.64
CA MET C 162 -8.15 -6.61 17.89
C MET C 162 -7.75 -8.06 17.71
N ASN C 163 -8.12 -8.65 16.58
CA ASN C 163 -7.78 -10.02 16.22
C ASN C 163 -6.36 -10.12 15.69
N VAL C 164 -5.76 -11.31 15.70
CA VAL C 164 -4.42 -11.40 15.11
C VAL C 164 -4.45 -12.21 13.82
N ALA C 165 -4.04 -11.62 12.71
CA ALA C 165 -3.99 -12.44 11.48
C ALA C 165 -2.64 -13.14 11.45
N ASP C 166 -2.67 -14.46 11.66
CA ASP C 166 -1.42 -15.19 11.82
C ASP C 166 -1.21 -16.26 10.76
N TYR C 167 -2.10 -16.41 9.81
CA TYR C 167 -1.92 -17.30 8.65
C TYR C 167 -2.33 -16.54 7.40
N PHE C 168 -1.64 -16.82 6.31
CA PHE C 168 -1.68 -16.11 5.04
C PHE C 168 -1.79 -17.13 3.90
N SER C 169 -2.57 -16.79 2.85
CA SER C 169 -2.73 -17.79 1.81
C SER C 169 -2.83 -17.25 0.39
N VAL C 170 -2.61 -18.16 -0.58
CA VAL C 170 -3.11 -17.91 -1.92
C VAL C 170 -4.16 -18.99 -2.20
N ASN C 171 -5.33 -18.58 -2.66
CA ASN C 171 -6.42 -19.53 -2.95
C ASN C 171 -6.67 -20.48 -1.79
N ALA C 172 -6.69 -19.90 -0.59
CA ALA C 172 -7.09 -20.51 0.65
C ALA C 172 -6.15 -21.61 1.12
N LYS C 173 -4.92 -21.63 0.63
CA LYS C 173 -3.91 -22.53 1.18
C LYS C 173 -2.61 -21.80 1.53
N SER C 174 -1.96 -22.23 2.60
CA SER C 174 -0.67 -21.73 3.07
C SER C 174 0.43 -22.73 2.70
N PHE C 175 1.51 -22.25 2.10
CA PHE C 175 2.68 -23.09 1.80
C PHE C 175 3.05 -23.91 3.02
N PRO C 176 3.36 -25.19 2.92
CA PRO C 176 3.54 -25.94 1.69
C PRO C 176 2.29 -26.55 1.07
N LEU C 177 1.10 -26.18 1.54
CA LEU C 177 -0.11 -26.79 0.97
C LEU C 177 -0.61 -26.08 -0.29
N THR C 178 0.04 -25.00 -0.70
CA THR C 178 -0.22 -24.42 -2.01
C THR C 178 0.29 -25.38 -3.07
N GLN C 179 0.20 -25.03 -4.35
CA GLN C 179 0.64 -25.91 -5.41
C GLN C 179 1.56 -25.15 -6.36
N PRO C 180 2.47 -25.82 -7.05
CA PRO C 180 3.34 -25.10 -8.00
C PRO C 180 2.54 -24.63 -9.22
N LEU C 181 3.09 -23.60 -9.85
CA LEU C 181 2.62 -23.10 -11.15
C LEU C 181 3.52 -23.73 -12.21
N ARG C 182 3.01 -24.80 -12.85
CA ARG C 182 3.85 -25.55 -13.79
C ARG C 182 3.67 -24.98 -15.19
N VAL C 183 4.81 -24.66 -15.79
CA VAL C 183 4.88 -24.04 -17.10
C VAL C 183 5.87 -24.79 -18.00
N LYS C 184 5.85 -24.52 -19.29
CA LYS C 184 6.93 -24.96 -20.17
C LYS C 184 7.51 -23.73 -20.86
N LYS C 185 8.76 -23.87 -21.28
CA LYS C 185 9.45 -22.80 -21.99
CA LYS C 185 9.44 -22.77 -21.96
C LYS C 185 8.61 -22.33 -23.18
N GLY C 186 8.47 -21.02 -23.30
CA GLY C 186 7.69 -20.43 -24.36
C GLY C 186 6.27 -20.10 -23.93
N ASP C 187 5.81 -20.58 -22.78
CA ASP C 187 4.50 -20.20 -22.28
C ASP C 187 4.40 -18.67 -22.15
N VAL C 188 3.21 -18.13 -22.35
CA VAL C 188 2.87 -16.73 -22.10
C VAL C 188 1.82 -16.73 -21.00
N VAL C 189 2.24 -16.34 -19.79
CA VAL C 189 1.39 -16.56 -18.62
C VAL C 189 0.71 -15.28 -18.16
N LYS C 190 -0.62 -15.31 -18.17
CA LYS C 190 -1.43 -14.25 -17.58
C LYS C 190 -1.77 -14.63 -16.14
N ILE C 191 -1.37 -13.78 -15.20
CA ILE C 191 -1.66 -13.97 -13.79
C ILE C 191 -2.55 -12.82 -13.32
N ARG C 192 -3.64 -13.19 -12.67
CA ARG C 192 -4.60 -12.21 -12.16
C ARG C 192 -4.52 -12.26 -10.63
N PHE C 193 -4.01 -11.20 -10.00
CA PHE C 193 -3.92 -11.11 -8.56
C PHE C 193 -5.18 -10.44 -7.97
N PHE C 194 -5.64 -10.97 -6.85
CA PHE C 194 -6.82 -10.42 -6.19
C PHE C 194 -6.53 -10.15 -4.71
N GLY C 195 -6.83 -8.93 -4.27
CA GLY C 195 -6.79 -8.67 -2.82
C GLY C 195 -8.13 -9.11 -2.21
N ALA C 196 -8.30 -10.41 -1.96
CA ALA C 196 -9.60 -10.91 -1.54
C ALA C 196 -9.85 -10.71 -0.04
N GLY C 197 -8.84 -10.81 0.81
CA GLY C 197 -9.00 -10.63 2.24
C GLY C 197 -8.64 -9.22 2.65
N GLY C 198 -8.31 -9.02 3.93
CA GLY C 198 -8.04 -7.71 4.49
C GLY C 198 -6.58 -7.31 4.53
N GLY C 199 -5.67 -8.12 3.99
CA GLY C 199 -4.26 -7.75 4.02
C GLY C 199 -3.71 -7.15 2.74
N ILE C 200 -2.44 -6.72 2.84
CA ILE C 200 -1.75 -6.23 1.65
CA ILE C 200 -1.76 -6.23 1.64
C ILE C 200 -0.68 -7.24 1.26
N HIS C 201 -0.54 -7.48 -0.04
CA HIS C 201 0.37 -8.55 -0.46
C HIS C 201 1.32 -8.02 -1.54
N ALA C 202 2.63 -8.13 -1.30
CA ALA C 202 3.62 -7.69 -2.26
C ALA C 202 4.10 -8.88 -3.09
N MET C 203 3.41 -9.13 -4.20
CA MET C 203 3.66 -10.36 -4.95
C MET C 203 4.88 -10.18 -5.87
N HIS C 204 5.87 -11.02 -5.62
CA HIS C 204 7.19 -10.94 -6.24
C HIS C 204 7.52 -12.26 -6.96
N SER C 205 7.85 -12.15 -8.23
CA SER C 205 8.23 -13.32 -9.01
C SER C 205 9.74 -13.42 -9.20
N HIS C 206 10.36 -14.47 -8.66
CA HIS C 206 11.79 -14.67 -8.99
C HIS C 206 11.96 -15.03 -10.45
N GLY C 207 13.15 -14.81 -11.00
CA GLY C 207 13.54 -15.24 -12.31
C GLY C 207 12.92 -14.51 -13.46
N HIS C 208 11.94 -13.62 -13.20
CA HIS C 208 11.13 -12.99 -14.22
C HIS C 208 10.61 -11.62 -13.73
N ASP C 209 10.47 -10.73 -14.69
CA ASP C 209 9.68 -9.52 -14.50
C ASP C 209 8.25 -9.77 -14.99
N MET C 210 7.32 -9.04 -14.39
CA MET C 210 5.93 -9.09 -14.81
C MET C 210 5.61 -7.83 -15.60
N LEU C 211 4.82 -7.95 -16.68
CA LEU C 211 4.28 -6.77 -17.34
C LEU C 211 2.88 -6.51 -16.77
N VAL C 212 2.71 -5.41 -16.04
CA VAL C 212 1.40 -5.07 -15.48
C VAL C 212 0.53 -4.49 -16.59
N THR C 213 -0.52 -5.22 -16.99
CA THR C 213 -1.33 -4.83 -18.12
C THR C 213 -2.72 -4.33 -17.76
N HIS C 214 -3.26 -4.74 -16.62
CA HIS C 214 -4.60 -4.34 -16.24
C HIS C 214 -4.67 -3.97 -14.75
N LYS C 215 -5.46 -2.94 -14.47
CA LYS C 215 -5.75 -2.53 -13.09
C LYS C 215 -7.26 -2.71 -12.87
N ASP C 216 -7.66 -3.48 -11.88
CA ASP C 216 -9.06 -3.77 -11.59
C ASP C 216 -9.82 -4.23 -12.84
N GLY C 217 -9.11 -4.99 -13.66
CA GLY C 217 -9.59 -5.58 -14.88
C GLY C 217 -9.60 -4.70 -16.11
N LEU C 218 -9.26 -3.41 -16.03
CA LEU C 218 -9.24 -2.54 -17.20
C LEU C 218 -7.81 -2.31 -17.66
N PRO C 219 -7.64 -2.38 -18.97
CA PRO C 219 -6.33 -2.32 -19.60
C PRO C 219 -5.69 -0.95 -19.43
N LEU C 220 -4.43 -0.95 -18.97
CA LEU C 220 -3.67 0.30 -18.85
C LEU C 220 -3.20 0.82 -20.20
N ASP C 221 -3.43 2.13 -20.42
CA ASP C 221 -2.81 2.75 -21.57
C ASP C 221 -1.28 2.64 -21.47
N SER C 222 -0.73 2.68 -20.26
CA SER C 222 0.72 2.63 -20.10
CA SER C 222 0.71 2.65 -20.07
C SER C 222 1.11 1.49 -19.16
N PRO C 223 1.21 0.30 -19.74
CA PRO C 223 1.63 -0.85 -18.94
C PRO C 223 3.09 -0.64 -18.52
N TYR C 224 3.44 -1.28 -17.43
CA TYR C 224 4.78 -1.11 -16.86
C TYR C 224 5.28 -2.43 -16.29
N TYR C 225 6.61 -2.59 -16.31
CA TYR C 225 7.18 -3.79 -15.74
C TYR C 225 7.35 -3.64 -14.24
N ALA C 226 7.24 -4.77 -13.57
CA ALA C 226 7.54 -4.81 -12.14
C ALA C 226 8.05 -6.19 -11.73
N ASP C 227 8.90 -6.29 -10.70
CA ASP C 227 9.18 -7.64 -10.17
C ASP C 227 8.37 -7.84 -8.90
N THR C 228 7.81 -6.77 -8.35
CA THR C 228 6.99 -6.89 -7.16
C THR C 228 5.73 -6.05 -7.30
N VAL C 229 4.56 -6.67 -7.19
CA VAL C 229 3.30 -5.95 -7.36
C VAL C 229 2.53 -5.93 -6.06
N LEU C 230 2.28 -4.73 -5.55
CA LEU C 230 1.54 -4.59 -4.31
C LEU C 230 0.04 -4.76 -4.58
N VAL C 231 -0.59 -5.69 -3.85
CA VAL C 231 -2.03 -5.93 -4.05
C VAL C 231 -2.76 -5.65 -2.74
N SER C 232 -3.71 -4.73 -2.70
CA SER C 232 -4.37 -4.39 -1.43
CA SER C 232 -4.38 -4.41 -1.43
C SER C 232 -5.85 -4.78 -1.48
N PRO C 233 -6.57 -4.80 -0.36
CA PRO C 233 -7.97 -5.29 -0.38
C PRO C 233 -8.87 -4.67 -1.44
N GLY C 234 -9.60 -5.49 -2.20
CA GLY C 234 -10.45 -5.01 -3.25
C GLY C 234 -9.82 -4.98 -4.61
N GLU C 235 -8.50 -4.75 -4.71
CA GLU C 235 -7.87 -4.54 -5.99
C GLU C 235 -7.67 -5.82 -6.81
N ARG C 236 -7.53 -5.70 -8.12
CA ARG C 236 -6.98 -6.76 -8.96
C ARG C 236 -5.87 -6.16 -9.82
N TYR C 237 -4.83 -6.93 -10.07
CA TYR C 237 -3.82 -6.61 -11.07
C TYR C 237 -3.67 -7.79 -12.03
N ASP C 238 -3.64 -7.53 -13.33
CA ASP C 238 -3.35 -8.58 -14.29
C ASP C 238 -1.90 -8.36 -14.77
N VAL C 239 -1.11 -9.42 -14.77
CA VAL C 239 0.22 -9.30 -15.35
C VAL C 239 0.46 -10.37 -16.42
N ILE C 240 1.54 -10.14 -17.19
CA ILE C 240 1.98 -11.15 -18.15
C ILE C 240 3.41 -11.58 -17.79
N ILE C 241 3.69 -12.86 -17.76
CA ILE C 241 5.06 -13.33 -17.58
C ILE C 241 5.47 -14.13 -18.83
N GLU C 242 6.57 -13.80 -19.47
CA GLU C 242 7.12 -14.60 -20.55
C GLU C 242 7.92 -15.74 -19.93
N ALA C 243 7.43 -16.98 -20.14
CA ALA C 243 8.11 -18.12 -19.53
C ALA C 243 9.32 -18.51 -20.38
N ASP C 244 10.34 -17.67 -20.34
CA ASP C 244 11.46 -17.96 -21.22
C ASP C 244 12.75 -18.24 -20.44
N ASN C 245 12.63 -18.63 -19.19
CA ASN C 245 13.81 -18.72 -18.33
C ASN C 245 13.70 -19.96 -17.45
N PRO C 246 13.96 -21.13 -18.03
CA PRO C 246 13.71 -22.38 -17.32
C PRO C 246 14.54 -22.53 -16.05
N GLY C 247 13.86 -23.00 -15.01
CA GLY C 247 14.40 -23.25 -13.68
C GLY C 247 13.26 -23.51 -12.71
N ARG C 248 13.52 -23.47 -11.41
CA ARG C 248 12.50 -23.50 -10.36
C ARG C 248 12.53 -22.12 -9.68
N PHE C 249 11.51 -21.31 -9.91
CA PHE C 249 11.59 -19.93 -9.41
C PHE C 249 10.44 -19.65 -8.45
N ILE C 250 10.78 -19.39 -7.19
CA ILE C 250 9.72 -19.14 -6.20
C ILE C 250 9.01 -17.85 -6.53
N PHE C 251 7.76 -17.77 -6.09
CA PHE C 251 6.83 -16.72 -6.44
C PHE C 251 5.96 -16.50 -5.21
N HIS C 252 6.14 -15.37 -4.53
CA HIS C 252 5.63 -15.25 -3.17
C HIS C 252 5.34 -13.83 -2.71
N ASP C 253 4.52 -13.72 -1.68
CA ASP C 253 4.28 -12.46 -0.98
C ASP C 253 5.57 -12.02 -0.30
N HIS C 254 6.06 -10.82 -0.55
CA HIS C 254 7.31 -10.33 0.02
C HIS C 254 7.09 -9.62 1.35
N VAL C 255 5.83 -9.54 1.79
CA VAL C 255 5.64 -8.99 3.14
C VAL C 255 6.15 -9.99 4.17
N ASP C 256 7.23 -9.60 4.84
CA ASP C 256 8.04 -10.47 5.69
C ASP C 256 7.21 -11.27 6.68
N THR C 257 6.28 -10.68 7.42
CA THR C 257 5.49 -11.46 8.36
C THR C 257 4.53 -12.40 7.65
N HIS C 258 4.34 -12.22 6.34
CA HIS C 258 3.33 -13.01 5.62
C HIS C 258 3.88 -14.36 5.22
N VAL C 259 5.19 -14.53 5.28
CA VAL C 259 5.71 -15.86 4.91
C VAL C 259 5.99 -16.69 6.16
N THR C 260 5.00 -16.63 7.06
CA THR C 260 4.97 -17.42 8.27
C THR C 260 3.60 -18.06 8.40
N ALA C 261 3.45 -18.97 9.34
CA ALA C 261 2.20 -19.65 9.61
C ALA C 261 2.17 -20.02 11.10
N GLY C 262 1.24 -19.39 11.81
CA GLY C 262 1.18 -19.61 13.24
C GLY C 262 2.54 -19.30 13.86
N GLY C 263 3.22 -18.27 13.38
CA GLY C 263 4.49 -17.91 13.99
C GLY C 263 5.74 -18.59 13.45
N LYS C 264 5.57 -19.61 12.62
CA LYS C 264 6.66 -20.45 12.10
C LYS C 264 6.91 -20.21 10.62
N HIS C 265 8.16 -20.26 10.20
CA HIS C 265 8.55 -20.04 8.81
C HIS C 265 9.02 -21.38 8.23
N PRO C 266 8.80 -21.72 6.98
CA PRO C 266 8.10 -20.90 5.97
C PRO C 266 6.62 -21.22 5.98
N GLY C 267 5.81 -20.34 5.43
CA GLY C 267 4.35 -20.52 5.38
C GLY C 267 3.79 -19.43 4.48
N GLY C 268 2.50 -19.40 4.20
CA GLY C 268 1.98 -18.26 3.48
C GLY C 268 1.83 -18.38 1.98
N PRO C 269 1.61 -17.23 1.33
CA PRO C 269 1.32 -17.19 -0.11
C PRO C 269 2.62 -17.36 -0.89
N ILE C 270 2.97 -18.64 -1.02
CA ILE C 270 4.18 -19.02 -1.71
C ILE C 270 3.86 -20.11 -2.73
N THR C 271 4.28 -19.90 -3.97
CA THR C 271 4.27 -20.95 -4.98
C THR C 271 5.65 -21.01 -5.65
N VAL C 272 5.81 -21.89 -6.63
CA VAL C 272 7.08 -22.02 -7.35
C VAL C 272 6.73 -22.09 -8.83
N ILE C 273 7.34 -21.28 -9.68
CA ILE C 273 7.20 -21.46 -11.13
C ILE C 273 8.09 -22.64 -11.49
N GLU C 274 7.53 -23.78 -11.84
CA GLU C 274 8.27 -25.01 -12.10
C GLU C 274 8.28 -25.22 -13.61
N TYR C 275 9.47 -25.18 -14.22
CA TYR C 275 9.47 -25.42 -15.66
C TYR C 275 9.61 -26.91 -15.96
N ASP C 276 8.81 -27.33 -16.93
CA ASP C 276 8.91 -28.70 -17.39
C ASP C 276 10.36 -29.03 -17.78
N GLY C 277 10.78 -30.22 -17.40
CA GLY C 277 12.06 -30.73 -17.88
C GLY C 277 13.23 -30.31 -17.03
N VAL C 278 13.02 -29.43 -16.06
CA VAL C 278 14.17 -29.15 -15.17
C VAL C 278 14.37 -30.30 -14.20
N PRO C 279 15.55 -30.91 -14.10
CA PRO C 279 15.71 -32.04 -13.18
C PRO C 279 15.43 -31.67 -11.73
N VAL C 280 14.70 -32.57 -11.11
CA VAL C 280 14.31 -32.38 -9.72
C VAL C 280 15.41 -32.89 -8.80
N ASP C 281 15.93 -32.00 -7.97
CA ASP C 281 16.93 -32.34 -6.97
C ASP C 281 16.34 -33.10 -5.79
N ASP C 282 17.20 -33.89 -5.16
CA ASP C 282 16.78 -34.70 -4.02
C ASP C 282 16.17 -33.85 -2.91
N TRP C 283 16.74 -32.67 -2.67
CA TRP C 283 16.35 -31.79 -1.59
C TRP C 283 15.24 -30.82 -2.01
N TYR C 284 14.65 -30.99 -3.20
CA TYR C 284 13.60 -30.05 -3.58
C TYR C 284 12.38 -30.23 -2.68
N VAL C 285 11.95 -29.15 -2.03
CA VAL C 285 10.82 -29.22 -1.12
C VAL C 285 9.58 -29.83 -1.74
N TRP C 286 9.34 -29.61 -3.03
CA TRP C 286 8.10 -30.16 -3.60
C TRP C 286 8.38 -31.35 -4.50
N LYS C 287 9.46 -32.05 -4.17
CA LYS C 287 9.75 -33.26 -4.94
C LYS C 287 8.58 -34.22 -4.73
N ASP C 288 8.09 -34.91 -5.74
CA ASP C 288 6.96 -35.80 -5.43
C ASP C 288 5.75 -35.06 -4.86
N LYS C 289 5.47 -33.84 -5.28
CA LYS C 289 4.23 -33.15 -4.90
C LYS C 289 3.00 -33.89 -5.40
N ASP C 290 1.95 -34.00 -4.59
CA ASP C 290 0.66 -34.47 -5.09
C ASP C 290 0.00 -33.32 -5.82
N TYR C 291 0.12 -33.28 -7.14
CA TYR C 291 -0.06 -32.06 -7.91
C TYR C 291 -1.50 -31.84 -8.36
N ASP C 292 -1.94 -30.59 -8.25
CA ASP C 292 -3.27 -30.17 -8.69
C ASP C 292 -3.14 -29.15 -9.80
N PRO C 293 -3.35 -29.53 -11.06
CA PRO C 293 -3.15 -28.63 -12.18
C PRO C 293 -4.20 -27.54 -12.21
N ASN C 294 -5.23 -27.63 -11.38
CA ASN C 294 -6.25 -26.56 -11.41
C ASN C 294 -6.24 -25.70 -10.16
N PHE C 295 -5.14 -25.73 -9.41
CA PHE C 295 -5.05 -24.95 -8.17
C PHE C 295 -5.20 -23.46 -8.45
N PHE C 296 -4.86 -23.01 -9.64
CA PHE C 296 -5.02 -21.60 -9.97
C PHE C 296 -6.15 -21.42 -10.99
N TYR C 297 -7.03 -22.40 -11.05
CA TYR C 297 -8.15 -22.42 -11.99
C TYR C 297 -7.68 -22.43 -13.43
N SER C 298 -6.41 -22.74 -13.72
CA SER C 298 -6.02 -22.62 -15.12
C SER C 298 -6.69 -23.65 -16.03
N GLU C 299 -7.10 -24.81 -15.53
CA GLU C 299 -7.82 -25.75 -16.41
C GLU C 299 -9.25 -25.27 -16.64
N SER C 300 -9.86 -24.83 -15.54
CA SER C 300 -11.24 -24.34 -15.65
C SER C 300 -11.33 -23.18 -16.64
N LEU C 301 -10.27 -22.36 -16.62
CA LEU C 301 -10.30 -21.16 -17.45
C LEU C 301 -10.28 -21.49 -18.93
N LYS C 302 -9.96 -22.73 -19.27
CA LYS C 302 -9.91 -23.13 -20.67
C LYS C 302 -11.26 -23.72 -21.10
N GLN C 303 -12.19 -23.86 -20.18
CA GLN C 303 -13.41 -24.61 -20.53
C GLN C 303 -14.57 -23.77 -20.98
N GLY C 304 -14.39 -22.48 -21.29
CA GLY C 304 -15.51 -21.71 -21.86
C GLY C 304 -16.33 -20.99 -20.83
N TYR C 305 -17.52 -20.52 -21.21
CA TYR C 305 -18.33 -19.75 -20.28
CA TYR C 305 -18.34 -19.76 -20.29
C TYR C 305 -19.19 -20.65 -19.40
N GLY C 306 -19.31 -20.26 -18.14
CA GLY C 306 -20.13 -21.00 -17.19
C GLY C 306 -19.64 -20.77 -15.77
N MET C 307 -20.10 -21.61 -14.87
CA MET C 307 -19.72 -21.61 -13.48
C MET C 307 -19.00 -22.94 -13.21
N PHE C 308 -17.76 -22.86 -12.74
CA PHE C 308 -16.89 -24.01 -12.52
C PHE C 308 -16.52 -24.26 -11.07
N ASP C 309 -16.96 -25.38 -10.51
CA ASP C 309 -16.55 -25.84 -9.19
C ASP C 309 -15.17 -26.49 -9.33
N HIS C 310 -14.48 -26.67 -8.23
CA HIS C 310 -13.21 -27.40 -8.26
C HIS C 310 -13.11 -28.22 -7.00
N ASP C 311 -13.02 -29.55 -7.12
CA ASP C 311 -13.02 -30.33 -5.88
C ASP C 311 -11.82 -30.05 -4.99
N GLY C 312 -10.73 -29.56 -5.58
CA GLY C 312 -9.57 -29.24 -4.75
C GLY C 312 -9.88 -28.14 -3.75
N PHE C 313 -10.93 -27.36 -4.00
CA PHE C 313 -11.26 -26.24 -3.13
C PHE C 313 -12.40 -26.58 -2.17
N LYS C 314 -13.01 -27.74 -2.35
CA LYS C 314 -14.17 -28.09 -1.52
C LYS C 314 -13.79 -28.32 -0.07
N GLY C 315 -14.70 -27.91 0.82
CA GLY C 315 -14.56 -28.14 2.25
C GLY C 315 -15.35 -29.36 2.69
N GLU C 316 -15.17 -29.76 3.94
CA GLU C 316 -15.94 -30.87 4.46
C GLU C 316 -17.11 -30.37 5.31
N PHE C 317 -18.21 -31.12 5.30
CA PHE C 317 -19.31 -30.87 6.21
C PHE C 317 -19.09 -31.57 7.55
CU CU D . 0.00 19.94 16.97
CU CU E . 2.28 15.94 5.17
O O F . 4.50 16.90 5.33
CU CU G . -18.32 -3.08 -1.31
CU CU H . -17.80 -3.47 -4.97
O OH I . -16.72 -4.78 -1.03
CL CL J . -30.91 10.76 -10.81
CU CU K . 6.32 16.43 6.74
CU CU L . 5.06 17.99 3.57
O OH M . 4.23 15.51 7.00
CU CU N . 19.94 -15.52 6.89
CU CU O . 13.40 -9.98 -2.47
O O P . 13.10 -12.06 -3.48
CU CU Q . 12.08 -14.09 -2.75
CU CU R . 13.50 -12.06 -5.62
O OH S . 12.29 -12.12 -1.48
CU CU T . -21.84 -13.61 4.51
CU CU U . -15.47 -5.68 -3.09
O O V . -17.31 -4.19 -3.06
#